data_5HGX
#
_entry.id   5HGX
#
_cell.length_a   101.148
_cell.length_b   184.556
_cell.length_c   98.848
_cell.angle_alpha   90.00
_cell.angle_beta   90.00
_cell.angle_gamma   90.00
#
_symmetry.space_group_name_H-M   'C 2 2 21'
#
loop_
_entity.id
_entity.type
_entity.pdbx_description
1 polymer Transketolase
2 non-polymer 'PENTAETHYLENE GLYCOL'
3 water water
#
_entity_poly.entity_id   1
_entity_poly.type   'polypeptide(L)'
_entity_poly.pdbx_seq_one_letter_code
;MGSSHHHHHHSSGLVPRGSHMSSVDQKAISTIRLLAVDAVAAANSGHPGAPLGLAPAAHAVFKKMRFNPKDTKWINRDRF
VLSNGHACALLYSMLVLYGYDLTVEDLKKFRQLGSKTPGHPENTDVPGAEVTTGPLGQGICNGVGIALAQAQFAATYNKP
DFPISDSYTYVFLGDGCLMEGVSSEASSLAGHLQLGNLIAFWDDNKISIDGSTEVAFTEDVIARYKSYGWHIVEVSDADT
DITAIAAAIDEAKKVTNKPTLVRLTTTIGFGSLAQGTHGVFGAPLKADDIKQLKTKWGFNPEESFAVPAEVTASYNEHVA
ENQKIQQQWNELFAAYKQKYPELGAELQRRLDGKLPENWDKALPVYTPADAAVATRKLSEIVLSKIIPEVPEIIGGSADL
TPSNLTKAKGTVDFQPAATGLGDYSGRYIRYGVREHAMGAIMNGIAAFGANYKNYGGTFLNFVSYAAGAVRLSALSEFPI
TWVATHDSIGLGEDGPTHQPIETLAHFRATPNISVWRPADGNETSAAYKSAIESTHTPHILALTRQNLPQLEGSSIEKAS
KGGYTLVQQDKADIIIVATGSEVSLAVDALKVLEGQGIKAGVVSLPDQLTFDKQSEEYKLSVLPDGVPILSVEVMSTFGW
SKYSHQQFGLNRFGASGKAPEIFKLFEFTPEGVAERAAKTVAFYKGKDVVSPLRSAF
;
_entity_poly.pdbx_strand_id   A
#
loop_
_chem_comp.id
_chem_comp.type
_chem_comp.name
_chem_comp.formula
1PE non-polymer 'PENTAETHYLENE GLYCOL' 'C10 H22 O6'
#
# COMPACT_ATOMS: atom_id res chain seq x y z
N SER A 22 15.44 -35.95 6.04
CA SER A 22 15.76 -37.14 5.24
C SER A 22 14.71 -37.34 4.12
N SER A 23 14.11 -38.52 4.08
CA SER A 23 13.43 -38.90 2.86
C SER A 23 12.14 -38.15 2.69
N VAL A 24 11.32 -37.94 3.76
CA VAL A 24 10.08 -37.20 3.55
C VAL A 24 10.35 -35.77 3.15
N ASP A 25 11.43 -35.18 3.66
CA ASP A 25 11.79 -33.82 3.27
C ASP A 25 12.13 -33.75 1.79
N GLN A 26 12.90 -34.71 1.30
CA GLN A 26 13.21 -34.75 -0.12
C GLN A 26 11.96 -34.96 -0.94
N LYS A 27 11.07 -35.86 -0.49
CA LYS A 27 9.82 -36.07 -1.20
C LYS A 27 8.95 -34.82 -1.21
N ALA A 28 8.92 -34.08 -0.10
CA ALA A 28 8.16 -32.84 -0.05
C ALA A 28 8.69 -31.83 -1.06
N ILE A 29 10.02 -31.69 -1.12
CA ILE A 29 10.63 -30.76 -2.07
C ILE A 29 10.26 -31.14 -3.51
N SER A 30 10.34 -32.43 -3.84
CA SER A 30 9.95 -32.86 -5.17
C SER A 30 8.48 -32.59 -5.43
N THR A 31 7.64 -32.81 -4.42
CA THR A 31 6.21 -32.56 -4.57
C THR A 31 5.94 -31.10 -4.89
N ILE A 32 6.58 -30.19 -4.14
CA ILE A 32 6.45 -28.75 -4.38
C ILE A 32 6.86 -28.41 -5.80
N ARG A 33 8.05 -28.88 -6.19
CA ARG A 33 8.56 -28.61 -7.53
C ARG A 33 7.59 -29.05 -8.61
N LEU A 34 7.06 -30.26 -8.47
CA LEU A 34 6.22 -30.84 -9.51
C LEU A 34 4.82 -30.25 -9.50
N LEU A 35 4.27 -29.89 -8.32
CA LEU A 35 3.01 -29.15 -8.31
C LEU A 35 3.15 -27.84 -9.08
N ALA A 36 4.25 -27.13 -8.85
CA ALA A 36 4.43 -25.83 -9.49
C ALA A 36 4.56 -25.99 -11.01
N VAL A 37 5.37 -26.96 -11.44
N VAL A 37 5.38 -26.95 -11.47
CA VAL A 37 5.58 -27.21 -12.86
CA VAL A 37 5.53 -27.12 -12.92
C VAL A 37 4.27 -27.64 -13.52
C VAL A 37 4.25 -27.65 -13.55
N ASP A 38 3.50 -28.50 -12.85
CA ASP A 38 2.24 -28.98 -13.40
C ASP A 38 1.21 -27.85 -13.48
N ALA A 39 1.22 -26.92 -12.52
CA ALA A 39 0.33 -25.76 -12.58
C ALA A 39 0.64 -24.90 -13.79
N VAL A 40 1.93 -24.58 -13.99
CA VAL A 40 2.35 -23.83 -15.17
C VAL A 40 1.96 -24.57 -16.45
N ALA A 41 2.13 -25.90 -16.46
CA ALA A 41 1.81 -26.69 -17.64
C ALA A 41 0.32 -26.61 -17.96
N ALA A 42 -0.53 -26.70 -16.94
CA ALA A 42 -1.97 -26.67 -17.16
C ALA A 42 -2.41 -25.32 -17.73
N ALA A 43 -1.80 -24.23 -17.26
CA ALA A 43 -2.12 -22.91 -17.77
C ALA A 43 -1.50 -22.64 -19.12
N ASN A 44 -0.45 -23.37 -19.46
CA ASN A 44 0.41 -23.04 -20.60
C ASN A 44 0.86 -21.59 -20.52
N SER A 45 1.17 -21.14 -19.31
CA SER A 45 1.58 -19.78 -19.01
C SER A 45 2.19 -19.78 -17.63
N GLY A 46 3.22 -18.94 -17.43
CA GLY A 46 3.79 -18.73 -16.12
C GLY A 46 5.23 -19.18 -16.01
N HIS A 47 5.70 -19.22 -14.76
CA HIS A 47 7.12 -19.13 -14.45
C HIS A 47 7.54 -20.36 -13.63
N PRO A 48 8.19 -21.34 -14.25
CA PRO A 48 8.57 -22.56 -13.52
C PRO A 48 9.96 -22.50 -12.90
N GLY A 49 10.80 -21.58 -13.36
CA GLY A 49 12.21 -21.62 -13.01
C GLY A 49 12.49 -21.36 -11.54
N ALA A 50 12.00 -20.25 -11.02
CA ALA A 50 12.24 -19.94 -9.61
C ALA A 50 11.52 -20.90 -8.67
N PRO A 51 10.30 -21.37 -8.99
CA PRO A 51 9.73 -22.43 -8.13
C PRO A 51 10.61 -23.65 -8.01
N LEU A 52 11.20 -24.10 -9.13
CA LEU A 52 12.11 -25.24 -9.07
C LEU A 52 13.34 -24.91 -8.22
N GLY A 53 13.90 -23.72 -8.38
CA GLY A 53 15.11 -23.36 -7.66
C GLY A 53 14.90 -23.08 -6.18
N LEU A 54 13.73 -22.58 -5.81
CA LEU A 54 13.47 -22.16 -4.44
C LEU A 54 12.67 -23.16 -3.63
N ALA A 55 12.28 -24.31 -4.20
CA ALA A 55 11.52 -25.29 -3.42
C ALA A 55 12.25 -25.75 -2.17
N PRO A 56 13.55 -26.06 -2.21
CA PRO A 56 14.22 -26.44 -0.94
C PRO A 56 14.11 -25.37 0.12
N ALA A 57 14.37 -24.11 -0.26
CA ALA A 57 14.30 -23.02 0.70
C ALA A 57 12.87 -22.83 1.21
N ALA A 58 11.87 -22.92 0.32
CA ALA A 58 10.48 -22.78 0.76
C ALA A 58 10.13 -23.87 1.77
N HIS A 59 10.51 -25.10 1.50
CA HIS A 59 10.27 -26.18 2.44
C HIS A 59 10.91 -25.88 3.80
N ALA A 60 12.19 -25.47 3.77
CA ALA A 60 12.91 -25.21 5.02
C ALA A 60 12.31 -24.05 5.80
N VAL A 61 11.96 -22.97 5.11
CA VAL A 61 11.42 -21.80 5.78
C VAL A 61 10.05 -22.10 6.38
N PHE A 62 9.15 -22.70 5.59
CA PHE A 62 7.83 -22.99 6.12
C PHE A 62 7.89 -23.94 7.32
N LYS A 63 8.86 -24.85 7.35
N LYS A 63 8.87 -24.84 7.34
CA LYS A 63 9.01 -25.74 8.50
CA LYS A 63 9.03 -25.72 8.50
C LYS A 63 9.44 -24.99 9.76
C LYS A 63 9.40 -24.96 9.75
N LYS A 64 10.11 -23.84 9.61
CA LYS A 64 10.47 -23.02 10.75
C LYS A 64 9.40 -22.00 11.11
N MET A 65 8.48 -21.69 10.21
CA MET A 65 7.45 -20.69 10.44
C MET A 65 6.33 -21.20 11.33
N ARG A 66 5.78 -20.28 12.13
CA ARG A 66 4.58 -20.48 12.93
C ARG A 66 3.40 -19.83 12.23
N PHE A 67 2.38 -20.61 11.91
CA PHE A 67 1.22 -20.14 11.16
C PHE A 67 0.11 -21.14 11.37
N ASN A 68 -1.13 -20.69 11.17
CA ASN A 68 -2.30 -21.55 11.23
C ASN A 68 -3.06 -21.44 9.91
N PRO A 69 -3.05 -22.46 9.07
N PRO A 69 -3.08 -22.48 9.08
CA PRO A 69 -3.82 -22.41 7.83
CA PRO A 69 -3.83 -22.40 7.82
C PRO A 69 -5.30 -22.15 8.04
C PRO A 69 -5.32 -22.19 8.02
N LYS A 70 -5.83 -22.48 9.22
CA LYS A 70 -7.24 -22.25 9.55
C LYS A 70 -7.48 -20.91 10.23
N ASP A 71 -6.42 -20.12 10.47
CA ASP A 71 -6.59 -18.77 11.00
C ASP A 71 -5.48 -17.90 10.43
N THR A 72 -5.71 -17.41 9.21
CA THR A 72 -4.73 -16.62 8.50
C THR A 72 -4.44 -15.29 9.15
N LYS A 73 -5.24 -14.87 10.15
CA LYS A 73 -5.06 -13.57 10.78
C LYS A 73 -4.49 -13.64 12.19
N TRP A 74 -4.05 -14.81 12.66
CA TRP A 74 -3.44 -14.89 13.98
C TRP A 74 -2.33 -13.84 14.07
N ILE A 75 -2.41 -12.94 15.06
CA ILE A 75 -1.57 -11.75 15.00
C ILE A 75 -0.11 -12.04 15.30
N ASN A 76 0.19 -13.18 15.94
CA ASN A 76 1.56 -13.55 16.25
C ASN A 76 2.12 -14.58 15.28
N ARG A 77 1.49 -14.77 14.13
CA ARG A 77 2.06 -15.63 13.10
C ARG A 77 3.36 -15.03 12.55
N ASP A 78 4.27 -15.90 12.14
CA ASP A 78 5.32 -15.42 11.25
C ASP A 78 4.68 -15.10 9.91
N ARG A 79 5.22 -14.08 9.22
CA ARG A 79 4.75 -13.72 7.89
C ARG A 79 5.78 -14.15 6.85
N PHE A 80 5.26 -14.57 5.70
CA PHE A 80 6.05 -14.88 4.51
C PHE A 80 5.63 -13.96 3.38
N VAL A 81 6.60 -13.43 2.65
CA VAL A 81 6.35 -12.59 1.47
C VAL A 81 7.18 -13.09 0.30
N LEU A 82 6.51 -13.36 -0.82
CA LEU A 82 7.17 -13.71 -2.07
C LEU A 82 7.32 -12.43 -2.89
N SER A 83 8.47 -11.77 -2.76
CA SER A 83 8.69 -10.51 -3.50
C SER A 83 8.84 -10.79 -4.99
N ASN A 84 9.47 -11.90 -5.35
CA ASN A 84 9.56 -12.35 -6.74
C ASN A 84 8.25 -13.06 -7.12
N GLY A 85 7.20 -12.26 -7.23
CA GLY A 85 5.84 -12.75 -7.25
C GLY A 85 5.51 -13.59 -8.46
N HIS A 86 6.26 -13.43 -9.55
CA HIS A 86 6.07 -14.31 -10.70
C HIS A 86 6.24 -15.77 -10.32
N ALA A 87 6.99 -16.06 -9.25
CA ALA A 87 7.23 -17.41 -8.78
C ALA A 87 6.05 -17.97 -7.96
N CYS A 88 4.88 -17.36 -8.06
CA CYS A 88 3.79 -17.71 -7.18
C CYS A 88 3.27 -19.14 -7.30
N ALA A 89 3.55 -19.88 -8.37
CA ALA A 89 3.19 -21.29 -8.34
C ALA A 89 3.82 -21.98 -7.14
N LEU A 90 5.01 -21.51 -6.73
CA LEU A 90 5.67 -22.02 -5.51
C LEU A 90 4.83 -21.72 -4.26
N LEU A 91 4.43 -20.45 -4.09
CA LEU A 91 3.63 -20.06 -2.94
C LEU A 91 2.32 -20.85 -2.91
N TYR A 92 1.63 -20.93 -4.03
CA TYR A 92 0.35 -21.63 -4.05
C TYR A 92 0.54 -23.10 -3.68
N SER A 93 1.62 -23.71 -4.16
CA SER A 93 1.89 -25.10 -3.80
C SER A 93 2.10 -25.26 -2.30
N MET A 94 2.83 -24.35 -1.66
CA MET A 94 3.00 -24.42 -0.21
C MET A 94 1.68 -24.32 0.52
N LEU A 95 0.85 -23.36 0.10
CA LEU A 95 -0.43 -23.11 0.76
C LEU A 95 -1.35 -24.32 0.61
N VAL A 96 -1.37 -24.93 -0.57
CA VAL A 96 -2.15 -26.14 -0.78
C VAL A 96 -1.65 -27.28 0.10
N LEU A 97 -0.35 -27.50 0.13
CA LEU A 97 0.19 -28.62 0.89
C LEU A 97 -0.07 -28.48 2.38
N TYR A 98 -0.07 -27.25 2.89
CA TYR A 98 -0.32 -26.98 4.30
C TYR A 98 -1.81 -26.87 4.65
N GLY A 99 -2.71 -26.99 3.70
CA GLY A 99 -4.12 -27.02 4.03
C GLY A 99 -4.74 -25.68 4.28
N TYR A 100 -4.19 -24.63 3.70
CA TYR A 100 -4.93 -23.37 3.59
C TYR A 100 -6.18 -23.60 2.74
N ASP A 101 -7.03 -22.58 2.62
CA ASP A 101 -8.26 -22.64 1.84
C ASP A 101 -7.96 -22.49 0.35
N LEU A 102 -7.16 -23.43 -0.15
CA LEU A 102 -6.64 -23.45 -1.51
C LEU A 102 -6.32 -24.92 -1.77
N THR A 103 -6.78 -25.47 -2.89
CA THR A 103 -6.68 -26.89 -3.15
C THR A 103 -5.95 -27.19 -4.45
N VAL A 104 -5.68 -28.48 -4.67
CA VAL A 104 -5.14 -28.90 -5.94
C VAL A 104 -6.05 -28.48 -7.08
N GLU A 105 -7.37 -28.53 -6.90
CA GLU A 105 -8.27 -28.06 -7.95
C GLU A 105 -8.05 -26.60 -8.29
N ASP A 106 -7.72 -25.78 -7.29
CA ASP A 106 -7.35 -24.38 -7.57
C ASP A 106 -6.04 -24.30 -8.34
N LEU A 107 -5.06 -25.14 -8.00
CA LEU A 107 -3.81 -25.15 -8.75
C LEU A 107 -4.01 -25.48 -10.22
N LYS A 108 -4.94 -26.39 -10.51
CA LYS A 108 -5.23 -26.74 -11.89
C LYS A 108 -5.77 -25.55 -12.65
N LYS A 109 -6.30 -24.55 -11.94
CA LYS A 109 -6.87 -23.35 -12.52
C LYS A 109 -5.92 -22.15 -12.40
N PHE A 110 -4.62 -22.40 -12.22
CA PHE A 110 -3.62 -21.35 -12.22
C PHE A 110 -3.79 -20.50 -13.46
N ARG A 111 -3.79 -19.18 -13.28
CA ARG A 111 -3.82 -18.24 -14.41
C ARG A 111 -5.09 -18.35 -15.26
N GLN A 112 -6.17 -18.93 -14.70
CA GLN A 112 -7.44 -19.05 -15.39
C GLN A 112 -8.44 -18.04 -14.82
N LEU A 113 -9.25 -17.46 -15.70
CA LEU A 113 -10.14 -16.38 -15.30
C LEU A 113 -10.98 -16.77 -14.10
N GLY A 114 -10.95 -15.91 -13.08
CA GLY A 114 -11.75 -16.10 -11.89
C GLY A 114 -11.17 -17.02 -10.85
N SER A 115 -10.00 -17.59 -11.06
CA SER A 115 -9.49 -18.56 -10.10
C SER A 115 -8.90 -17.90 -8.87
N LYS A 116 -8.65 -18.73 -7.85
CA LYS A 116 -7.96 -18.32 -6.63
C LYS A 116 -6.45 -18.38 -6.76
N THR A 117 -5.96 -18.63 -7.98
CA THR A 117 -4.54 -18.80 -8.25
C THR A 117 -4.13 -17.89 -9.42
N PRO A 118 -4.24 -16.57 -9.24
CA PRO A 118 -3.87 -15.63 -10.32
C PRO A 118 -2.38 -15.69 -10.62
N GLY A 119 -2.04 -15.16 -11.80
CA GLY A 119 -0.66 -15.21 -12.27
C GLY A 119 0.36 -14.47 -11.44
N HIS A 120 -0.07 -13.51 -10.63
CA HIS A 120 0.72 -12.92 -9.56
C HIS A 120 -0.17 -12.88 -8.33
N PRO A 121 0.40 -13.07 -7.13
CA PRO A 121 -0.43 -13.27 -5.96
C PRO A 121 -1.07 -11.98 -5.47
N GLU A 122 -2.35 -12.08 -5.10
CA GLU A 122 -3.16 -10.95 -4.66
C GLU A 122 -3.74 -11.26 -3.28
N ASN A 123 -3.47 -10.39 -2.31
CA ASN A 123 -3.97 -10.63 -0.95
C ASN A 123 -5.48 -10.67 -0.87
N THR A 124 -6.19 -9.97 -1.75
CA THR A 124 -7.65 -9.99 -1.70
C THR A 124 -8.23 -11.33 -2.15
N ASP A 125 -7.49 -12.11 -2.94
CA ASP A 125 -8.02 -13.29 -3.60
C ASP A 125 -7.42 -14.60 -3.09
N VAL A 126 -6.23 -14.56 -2.51
CA VAL A 126 -5.47 -15.76 -2.18
C VAL A 126 -5.31 -15.90 -0.68
N PRO A 127 -5.94 -16.90 -0.04
N PRO A 127 -5.89 -16.93 -0.04
CA PRO A 127 -5.69 -17.13 1.39
CA PRO A 127 -5.68 -17.11 1.40
C PRO A 127 -4.23 -17.42 1.64
C PRO A 127 -4.23 -17.43 1.68
N GLY A 128 -3.63 -16.72 2.62
CA GLY A 128 -2.21 -16.89 2.91
C GLY A 128 -1.27 -15.98 2.13
N ALA A 129 -1.78 -15.15 1.22
CA ALA A 129 -0.97 -14.13 0.57
C ALA A 129 -1.11 -12.85 1.39
N GLU A 130 -0.01 -12.43 2.03
CA GLU A 130 -0.06 -11.30 2.95
C GLU A 130 -0.23 -9.97 2.22
N VAL A 131 0.30 -9.88 1.01
CA VAL A 131 0.40 -8.68 0.21
C VAL A 131 0.25 -9.10 -1.25
N THR A 132 0.13 -8.12 -2.12
CA THR A 132 0.05 -8.34 -3.57
C THR A 132 1.41 -8.04 -4.16
N THR A 133 2.04 -9.05 -4.75
CA THR A 133 3.39 -8.90 -5.26
C THR A 133 3.46 -9.33 -6.71
N GLY A 134 4.63 -9.15 -7.30
CA GLY A 134 4.80 -9.31 -8.73
C GLY A 134 5.56 -8.14 -9.31
N PRO A 135 4.99 -6.92 -9.20
CA PRO A 135 5.77 -5.72 -9.56
C PRO A 135 7.04 -5.73 -8.73
N LEU A 136 8.17 -5.73 -9.41
CA LEU A 136 9.40 -6.11 -8.75
C LEU A 136 9.83 -5.06 -7.72
N GLY A 137 10.45 -5.54 -6.65
CA GLY A 137 10.90 -4.72 -5.56
C GLY A 137 9.89 -4.49 -4.47
N GLN A 138 8.59 -4.65 -4.75
CA GLN A 138 7.56 -4.25 -3.79
C GLN A 138 7.56 -5.14 -2.55
N GLY A 139 7.60 -6.46 -2.75
CA GLY A 139 7.42 -7.37 -1.63
C GLY A 139 8.48 -7.22 -0.55
N ILE A 140 9.75 -7.04 -0.92
CA ILE A 140 10.75 -6.86 0.13
C ILE A 140 10.46 -5.62 0.95
N CYS A 141 10.01 -4.55 0.29
CA CYS A 141 9.63 -3.34 1.02
C CYS A 141 8.41 -3.60 1.90
N ASN A 142 7.42 -4.34 1.39
CA ASN A 142 6.30 -4.73 2.22
C ASN A 142 6.77 -5.50 3.45
N GLY A 143 7.74 -6.41 3.27
CA GLY A 143 8.32 -7.13 4.39
C GLY A 143 8.97 -6.22 5.41
N VAL A 144 9.69 -5.19 4.94
CA VAL A 144 10.20 -4.19 5.86
C VAL A 144 9.08 -3.57 6.67
N GLY A 145 7.94 -3.25 6.03
CA GLY A 145 6.83 -2.68 6.77
C GLY A 145 6.17 -3.63 7.74
N ILE A 146 6.01 -4.91 7.37
CA ILE A 146 5.49 -5.90 8.31
C ILE A 146 6.40 -5.99 9.52
N ALA A 147 7.72 -6.00 9.30
CA ALA A 147 8.67 -6.08 10.39
C ALA A 147 8.68 -4.82 11.23
N LEU A 148 8.54 -3.65 10.59
CA LEU A 148 8.47 -2.39 11.32
C LEU A 148 7.26 -2.40 12.23
N ALA A 149 6.09 -2.76 11.68
CA ALA A 149 4.87 -2.87 12.46
C ALA A 149 5.03 -3.87 13.61
N GLN A 150 5.62 -5.03 13.35
CA GLN A 150 5.80 -6.00 14.43
C GLN A 150 6.62 -5.41 15.56
N ALA A 151 7.70 -4.69 15.24
CA ALA A 151 8.54 -4.11 16.29
C ALA A 151 7.77 -3.05 17.08
N GLN A 152 6.98 -2.22 16.39
CA GLN A 152 6.20 -1.19 17.07
C GLN A 152 5.13 -1.82 17.93
N PHE A 153 4.48 -2.86 17.42
CA PHE A 153 3.41 -3.56 18.12
C PHE A 153 3.94 -4.25 19.37
N ALA A 154 5.05 -4.96 19.23
CA ALA A 154 5.68 -5.62 20.38
C ALA A 154 6.11 -4.59 21.43
N ALA A 155 6.68 -3.48 21.01
CA ALA A 155 7.09 -2.46 21.96
C ALA A 155 5.89 -1.89 22.70
N THR A 156 4.75 -1.80 22.02
CA THR A 156 3.55 -1.23 22.63
C THR A 156 2.92 -2.19 23.64
N TYR A 157 2.89 -3.49 23.34
CA TYR A 157 2.10 -4.45 24.12
C TYR A 157 2.89 -5.41 24.99
N ASN A 158 4.10 -5.82 24.59
CA ASN A 158 4.76 -6.88 25.35
C ASN A 158 5.10 -6.39 26.76
N LYS A 159 5.03 -7.31 27.70
CA LYS A 159 5.35 -7.05 29.10
C LYS A 159 6.16 -8.23 29.62
N PRO A 160 6.77 -8.12 30.80
CA PRO A 160 7.51 -9.27 31.34
C PRO A 160 6.57 -10.47 31.46
N ASP A 161 7.04 -11.63 30.99
CA ASP A 161 6.30 -12.88 30.93
C ASP A 161 5.13 -12.85 29.94
N PHE A 162 5.01 -11.80 29.13
CA PHE A 162 3.93 -11.67 28.15
C PHE A 162 4.50 -11.28 26.80
N PRO A 163 5.10 -12.22 26.09
CA PRO A 163 5.56 -12.00 24.71
C PRO A 163 4.37 -12.07 23.74
N ILE A 164 3.54 -11.03 23.80
CA ILE A 164 2.36 -10.96 22.93
C ILE A 164 2.76 -11.02 21.47
N SER A 165 3.85 -10.35 21.11
CA SER A 165 4.30 -10.31 19.73
C SER A 165 5.80 -10.61 19.68
N ASP A 166 6.16 -11.68 18.96
CA ASP A 166 7.56 -12.08 18.84
C ASP A 166 7.83 -12.76 17.50
N SER A 167 7.04 -12.42 16.49
CA SER A 167 7.08 -13.09 15.21
C SER A 167 8.12 -12.49 14.26
N TYR A 168 8.46 -13.29 13.26
CA TYR A 168 9.44 -12.98 12.24
C TYR A 168 8.76 -12.70 10.90
N THR A 169 9.52 -12.05 10.02
CA THR A 169 9.10 -11.73 8.67
C THR A 169 10.13 -12.33 7.73
N TYR A 170 9.69 -13.30 6.91
CA TYR A 170 10.53 -14.02 5.97
C TYR A 170 10.19 -13.55 4.56
N VAL A 171 11.19 -13.15 3.77
CA VAL A 171 10.94 -12.64 2.43
C VAL A 171 11.83 -13.37 1.45
N PHE A 172 11.27 -13.82 0.34
CA PHE A 172 12.04 -14.32 -0.80
C PHE A 172 12.09 -13.23 -1.85
N LEU A 173 13.26 -13.03 -2.44
N LEU A 173 13.28 -12.98 -2.43
CA LEU A 173 13.42 -12.04 -3.50
CA LEU A 173 13.42 -12.00 -3.49
C LEU A 173 14.44 -12.56 -4.49
C LEU A 173 14.51 -12.46 -4.45
N GLY A 174 14.41 -11.99 -5.69
CA GLY A 174 15.35 -12.35 -6.73
C GLY A 174 16.16 -11.17 -7.23
N ASP A 175 16.91 -11.43 -8.30
CA ASP A 175 17.77 -10.41 -8.88
C ASP A 175 16.99 -9.20 -9.38
N GLY A 176 15.80 -9.41 -9.92
CA GLY A 176 14.98 -8.29 -10.36
C GLY A 176 14.63 -7.33 -9.24
N CYS A 177 14.22 -7.88 -8.09
CA CYS A 177 13.91 -7.04 -6.93
C CYS A 177 15.14 -6.26 -6.49
N LEU A 178 16.33 -6.88 -6.53
CA LEU A 178 17.56 -6.24 -6.11
C LEU A 178 18.02 -5.12 -7.04
N MET A 179 17.56 -5.10 -8.27
CA MET A 179 17.87 -4.01 -9.20
C MET A 179 16.92 -2.83 -9.07
N GLU A 180 15.69 -3.06 -8.61
CA GLU A 180 14.71 -1.99 -8.50
C GLU A 180 15.09 -1.06 -7.35
N GLY A 181 15.12 0.25 -7.62
CA GLY A 181 15.58 1.19 -6.63
C GLY A 181 14.77 1.19 -5.35
N VAL A 182 13.48 0.85 -5.43
CA VAL A 182 12.65 0.84 -4.24
C VAL A 182 13.23 -0.10 -3.18
N SER A 183 13.81 -1.24 -3.61
CA SER A 183 14.36 -2.17 -2.63
C SER A 183 15.62 -1.64 -1.97
N SER A 184 16.41 -0.85 -2.69
CA SER A 184 17.56 -0.20 -2.09
C SER A 184 17.13 0.76 -1.00
N GLU A 185 16.13 1.60 -1.31
CA GLU A 185 15.60 2.52 -0.32
C GLU A 185 15.18 1.76 0.94
N ALA A 186 14.37 0.73 0.78
CA ALA A 186 13.84 0.06 1.96
C ALA A 186 14.92 -0.70 2.70
N SER A 187 15.93 -1.21 1.98
CA SER A 187 16.99 -1.96 2.63
C SER A 187 17.94 -1.05 3.40
N SER A 188 18.23 0.13 2.86
CA SER A 188 18.99 1.12 3.62
C SER A 188 18.25 1.48 4.90
N LEU A 189 16.96 1.75 4.79
CA LEU A 189 16.18 2.12 5.97
C LEU A 189 16.07 0.98 6.97
N ALA A 190 15.84 -0.25 6.49
CA ALA A 190 15.69 -1.39 7.40
C ALA A 190 16.97 -1.64 8.18
N GLY A 191 18.12 -1.47 7.51
CA GLY A 191 19.39 -1.59 8.20
C GLY A 191 19.53 -0.52 9.27
N HIS A 192 19.21 0.72 8.92
CA HIS A 192 19.24 1.79 9.91
C HIS A 192 18.34 1.47 11.10
N LEU A 193 17.16 0.91 10.85
CA LEU A 193 16.19 0.62 11.90
C LEU A 193 16.48 -0.66 12.67
N GLN A 194 17.55 -1.38 12.33
CA GLN A 194 18.04 -2.52 13.11
C GLN A 194 16.95 -3.58 13.26
N LEU A 195 16.23 -3.86 12.16
CA LEU A 195 15.06 -4.74 12.20
C LEU A 195 15.48 -6.21 12.19
N GLY A 196 15.83 -6.69 13.39
CA GLY A 196 16.37 -8.03 13.55
C GLY A 196 15.39 -9.16 13.34
N ASN A 197 14.10 -8.90 13.25
CA ASN A 197 13.15 -9.98 12.99
C ASN A 197 12.82 -10.10 11.51
N LEU A 198 13.52 -9.37 10.65
CA LEU A 198 13.41 -9.48 9.21
C LEU A 198 14.52 -10.40 8.71
N ILE A 199 14.13 -11.44 7.95
CA ILE A 199 15.06 -12.41 7.37
C ILE A 199 14.67 -12.55 5.90
N ALA A 200 15.52 -12.03 5.02
CA ALA A 200 15.28 -12.07 3.59
C ALA A 200 16.23 -13.08 2.94
N PHE A 201 15.77 -13.69 1.86
CA PHE A 201 16.50 -14.73 1.15
C PHE A 201 16.60 -14.31 -0.31
N TRP A 202 17.82 -14.13 -0.77
CA TRP A 202 18.13 -13.77 -2.15
C TRP A 202 18.30 -15.05 -2.96
N ASP A 203 17.46 -15.21 -3.99
CA ASP A 203 17.59 -16.29 -4.97
C ASP A 203 18.72 -15.93 -5.93
N ASP A 204 19.92 -16.37 -5.57
CA ASP A 204 21.13 -16.02 -6.31
C ASP A 204 21.32 -17.07 -7.40
N ASN A 205 20.60 -16.86 -8.51
CA ASN A 205 20.54 -17.81 -9.61
C ASN A 205 21.08 -17.23 -10.92
N LYS A 206 21.66 -16.05 -10.89
CA LYS A 206 22.35 -15.44 -12.03
C LYS A 206 21.41 -15.07 -13.17
N ILE A 207 20.10 -14.98 -12.90
CA ILE A 207 19.07 -14.67 -13.89
C ILE A 207 18.07 -13.65 -13.32
N SER A 208 17.60 -12.77 -14.21
CA SER A 208 16.37 -12.02 -13.99
C SER A 208 15.54 -12.11 -15.27
N ILE A 209 14.36 -11.48 -15.23
CA ILE A 209 13.54 -11.36 -16.43
C ILE A 209 14.33 -10.87 -17.62
N ASP A 210 15.32 -10.00 -17.39
CA ASP A 210 16.05 -9.35 -18.46
C ASP A 210 17.13 -10.24 -19.08
N GLY A 211 17.51 -11.33 -18.40
CA GLY A 211 18.54 -12.23 -18.90
C GLY A 211 19.60 -12.52 -17.82
N SER A 212 20.77 -12.98 -18.27
CA SER A 212 21.87 -13.26 -17.37
C SER A 212 22.33 -12.02 -16.65
N THR A 213 22.68 -12.17 -15.37
CA THR A 213 23.08 -11.00 -14.60
C THR A 213 24.43 -10.43 -15.04
N GLU A 214 25.27 -11.18 -15.77
N GLU A 214 25.27 -11.17 -15.76
CA GLU A 214 26.52 -10.62 -16.26
CA GLU A 214 26.53 -10.57 -16.21
C GLU A 214 26.30 -9.43 -17.17
C GLU A 214 26.31 -9.41 -17.18
N VAL A 215 25.12 -9.33 -17.78
CA VAL A 215 24.84 -8.30 -18.78
C VAL A 215 24.62 -6.92 -18.16
N ALA A 216 24.01 -6.85 -16.97
CA ALA A 216 23.63 -5.56 -16.42
C ALA A 216 23.66 -5.52 -14.90
N PHE A 217 24.09 -6.58 -14.21
CA PHE A 217 23.95 -6.67 -12.76
C PHE A 217 25.17 -7.36 -12.18
N THR A 218 26.30 -6.66 -12.20
CA THR A 218 27.60 -7.18 -11.80
C THR A 218 28.08 -6.61 -10.47
N GLU A 219 27.26 -5.81 -9.81
CA GLU A 219 27.59 -5.26 -8.51
C GLU A 219 27.80 -6.38 -7.47
N ASP A 220 28.51 -6.04 -6.40
CA ASP A 220 28.71 -6.94 -5.27
C ASP A 220 27.56 -6.72 -4.29
N VAL A 221 26.49 -7.51 -4.48
CA VAL A 221 25.27 -7.40 -3.69
C VAL A 221 25.57 -7.55 -2.20
N ILE A 222 26.37 -8.55 -1.85
CA ILE A 222 26.67 -8.78 -0.44
C ILE A 222 27.38 -7.58 0.17
N ALA A 223 28.37 -7.03 -0.52
CA ALA A 223 29.05 -5.84 -0.01
C ALA A 223 28.08 -4.68 0.16
N ARG A 224 27.14 -4.53 -0.76
CA ARG A 224 26.14 -3.47 -0.64
C ARG A 224 25.26 -3.69 0.60
N TYR A 225 24.79 -4.91 0.82
CA TYR A 225 23.96 -5.17 1.99
C TYR A 225 24.74 -4.98 3.28
N LYS A 226 26.03 -5.31 3.30
CA LYS A 226 26.82 -5.00 4.49
C LYS A 226 26.90 -3.49 4.71
N SER A 227 26.98 -2.71 3.64
CA SER A 227 27.05 -1.26 3.77
C SER A 227 25.78 -0.66 4.37
N TYR A 228 24.65 -1.35 4.23
CA TYR A 228 23.40 -0.93 4.85
C TYR A 228 23.30 -1.36 6.31
N GLY A 229 24.22 -2.17 6.80
CA GLY A 229 24.11 -2.68 8.16
C GLY A 229 23.33 -3.97 8.30
N TRP A 230 23.19 -4.75 7.23
CA TRP A 230 22.57 -6.06 7.33
C TRP A 230 23.60 -7.12 7.72
N HIS A 231 23.12 -8.17 8.37
CA HIS A 231 23.87 -9.40 8.58
C HIS A 231 23.72 -10.27 7.34
N ILE A 232 24.75 -11.04 7.03
CA ILE A 232 24.78 -11.90 5.85
C ILE A 232 25.02 -13.35 6.26
N VAL A 233 24.26 -14.27 5.67
CA VAL A 233 24.57 -15.69 5.71
C VAL A 233 24.57 -16.20 4.28
N GLU A 234 25.59 -16.96 3.89
CA GLU A 234 25.67 -17.50 2.54
C GLU A 234 25.47 -19.01 2.56
N VAL A 235 24.57 -19.50 1.72
CA VAL A 235 24.33 -20.93 1.52
C VAL A 235 24.77 -21.27 0.11
N SER A 236 25.91 -21.93 0.00
CA SER A 236 26.49 -22.12 -1.32
C SER A 236 25.79 -23.17 -2.15
N ASP A 237 25.13 -24.14 -1.53
CA ASP A 237 24.39 -25.16 -2.30
C ASP A 237 22.93 -25.19 -1.86
N ALA A 238 22.20 -24.16 -2.22
CA ALA A 238 20.80 -24.08 -1.84
C ALA A 238 19.90 -24.93 -2.73
N ASP A 239 20.45 -25.62 -3.73
CA ASP A 239 19.66 -26.59 -4.48
C ASP A 239 19.35 -27.83 -3.65
N THR A 240 20.19 -28.15 -2.64
CA THR A 240 20.02 -29.36 -1.85
C THR A 240 20.17 -29.15 -0.35
N ASP A 241 20.88 -28.14 0.12
CA ASP A 241 21.37 -28.12 1.50
C ASP A 241 20.35 -27.44 2.43
N ILE A 242 19.25 -28.16 2.68
CA ILE A 242 18.22 -27.63 3.58
C ILE A 242 18.70 -27.57 5.02
N THR A 243 19.68 -28.39 5.40
CA THR A 243 20.27 -28.26 6.73
C THR A 243 20.91 -26.88 6.88
N ALA A 244 21.65 -26.43 5.87
CA ALA A 244 22.28 -25.13 5.93
C ALA A 244 21.26 -24.00 5.85
N ILE A 245 20.17 -24.17 5.12
CA ILE A 245 19.15 -23.12 5.09
C ILE A 245 18.50 -22.96 6.46
N ALA A 246 18.18 -24.08 7.11
CA ALA A 246 17.63 -24.03 8.46
C ALA A 246 18.63 -23.40 9.42
N ALA A 247 19.91 -23.76 9.31
CA ALA A 247 20.93 -23.19 10.18
C ALA A 247 21.06 -21.69 9.95
N ALA A 248 20.89 -21.23 8.70
CA ALA A 248 20.96 -19.81 8.40
C ALA A 248 19.84 -19.04 9.11
N ILE A 249 18.65 -19.64 9.18
CA ILE A 249 17.56 -19.04 9.92
C ILE A 249 17.91 -18.95 11.40
N ASP A 250 18.44 -20.03 11.97
CA ASP A 250 18.83 -20.00 13.38
C ASP A 250 19.87 -18.92 13.64
N GLU A 251 20.85 -18.80 12.74
CA GLU A 251 21.87 -17.77 12.87
C GLU A 251 21.25 -16.38 12.81
N ALA A 252 20.36 -16.15 11.84
CA ALA A 252 19.69 -14.87 11.71
C ALA A 252 18.93 -14.51 12.97
N LYS A 253 18.29 -15.50 13.61
CA LYS A 253 17.52 -15.20 14.81
C LYS A 253 18.42 -14.79 15.97
N LYS A 254 19.68 -15.19 15.96
CA LYS A 254 20.60 -14.76 17.01
C LYS A 254 21.05 -13.32 16.85
N VAL A 255 20.96 -12.76 15.64
CA VAL A 255 21.42 -11.39 15.37
C VAL A 255 20.19 -10.48 15.51
N THR A 256 19.98 -9.96 16.72
CA THR A 256 18.71 -9.31 17.02
C THR A 256 18.68 -7.83 16.62
N ASN A 257 19.82 -7.27 16.22
CA ASN A 257 19.91 -5.85 15.90
C ASN A 257 20.27 -5.59 14.44
N LYS A 258 20.09 -6.58 13.55
CA LYS A 258 20.29 -6.35 12.13
C LYS A 258 19.30 -7.21 11.36
N PRO A 259 18.70 -6.69 10.30
CA PRO A 259 18.03 -7.58 9.35
C PRO A 259 19.09 -8.46 8.68
N THR A 260 18.69 -9.67 8.27
CA THR A 260 19.62 -10.62 7.66
C THR A 260 19.24 -10.91 6.22
N LEU A 261 20.25 -10.93 5.34
CA LEU A 261 20.12 -11.41 3.97
C LEU A 261 20.82 -12.77 3.87
N VAL A 262 20.05 -13.79 3.50
CA VAL A 262 20.57 -15.13 3.25
C VAL A 262 20.74 -15.30 1.74
N ARG A 263 21.98 -15.46 1.31
CA ARG A 263 22.29 -15.70 -0.09
C ARG A 263 22.06 -17.17 -0.40
N LEU A 264 21.05 -17.47 -1.19
CA LEU A 264 20.73 -18.84 -1.61
C LEU A 264 21.27 -19.03 -3.02
N THR A 265 22.42 -19.70 -3.14
CA THR A 265 22.93 -19.94 -4.48
C THR A 265 22.20 -21.16 -5.06
N THR A 266 21.36 -20.90 -6.06
CA THR A 266 20.51 -21.91 -6.67
C THR A 266 20.75 -21.97 -8.18
N THR A 267 20.24 -23.05 -8.76
CA THR A 267 20.16 -23.21 -10.21
C THR A 267 18.71 -22.93 -10.59
N ILE A 268 18.47 -21.89 -11.40
CA ILE A 268 17.11 -21.64 -11.84
C ILE A 268 16.62 -22.88 -12.59
N GLY A 269 15.38 -23.27 -12.34
CA GLY A 269 14.88 -24.45 -13.03
C GLY A 269 15.52 -25.75 -12.63
N PHE A 270 16.12 -25.84 -11.44
CA PHE A 270 16.85 -27.03 -11.00
C PHE A 270 16.08 -28.29 -11.36
N GLY A 271 16.79 -29.18 -12.06
CA GLY A 271 16.25 -30.45 -12.48
C GLY A 271 15.83 -30.49 -13.92
N SER A 272 15.38 -29.37 -14.46
CA SER A 272 14.97 -29.29 -15.86
C SER A 272 16.16 -29.53 -16.78
N LEU A 273 15.85 -30.08 -17.95
CA LEU A 273 16.84 -30.13 -19.04
C LEU A 273 17.39 -28.75 -19.33
N ALA A 274 16.58 -27.71 -19.12
CA ALA A 274 16.93 -26.34 -19.42
C ALA A 274 17.31 -25.55 -18.15
N GLN A 275 17.65 -26.26 -17.07
CA GLN A 275 18.08 -25.58 -15.86
C GLN A 275 19.25 -24.64 -16.15
N GLY A 276 19.31 -23.56 -15.39
CA GLY A 276 20.41 -22.63 -15.51
C GLY A 276 20.38 -21.78 -16.74
N THR A 277 19.23 -21.63 -17.39
CA THR A 277 19.08 -20.79 -18.56
C THR A 277 17.90 -19.85 -18.36
N HIS A 278 17.93 -18.75 -19.09
CA HIS A 278 16.81 -17.81 -19.06
C HIS A 278 15.53 -18.42 -19.62
N GLY A 279 15.63 -19.43 -20.47
CA GLY A 279 14.45 -20.04 -21.04
C GLY A 279 13.49 -20.65 -20.04
N VAL A 280 13.95 -21.04 -18.84
N VAL A 280 13.99 -21.01 -18.85
CA VAL A 280 13.06 -21.59 -17.83
CA VAL A 280 13.19 -21.61 -17.79
C VAL A 280 12.51 -20.53 -16.89
C VAL A 280 12.61 -20.57 -16.85
N PHE A 281 12.94 -19.27 -17.04
CA PHE A 281 12.46 -18.21 -16.15
C PHE A 281 10.95 -18.04 -16.26
N GLY A 282 10.42 -17.92 -17.48
CA GLY A 282 9.11 -17.34 -17.69
C GLY A 282 8.25 -18.00 -18.74
N ALA A 283 8.49 -19.27 -19.03
CA ALA A 283 7.65 -20.01 -19.96
C ALA A 283 7.50 -21.44 -19.47
N PRO A 284 6.40 -22.09 -19.83
CA PRO A 284 6.22 -23.51 -19.46
C PRO A 284 7.34 -24.38 -19.97
N LEU A 285 7.63 -25.44 -19.23
CA LEU A 285 8.59 -26.46 -19.66
C LEU A 285 7.99 -27.31 -20.78
N LYS A 286 8.86 -27.98 -21.52
CA LYS A 286 8.40 -28.95 -22.51
C LYS A 286 7.86 -30.20 -21.81
N ALA A 287 6.89 -30.86 -22.45
CA ALA A 287 6.28 -32.04 -21.83
C ALA A 287 7.30 -33.13 -21.53
N ASP A 288 8.27 -33.36 -22.42
CA ASP A 288 9.26 -34.41 -22.18
C ASP A 288 10.18 -34.05 -21.03
N ASP A 289 10.42 -32.76 -20.82
CA ASP A 289 11.21 -32.31 -19.69
C ASP A 289 10.48 -32.64 -18.39
N ILE A 290 9.18 -32.37 -18.34
CA ILE A 290 8.40 -32.70 -17.15
C ILE A 290 8.43 -34.20 -16.87
N LYS A 291 8.36 -35.03 -17.91
CA LYS A 291 8.43 -36.48 -17.71
C LYS A 291 9.74 -36.89 -17.04
N GLN A 292 10.87 -36.35 -17.51
CA GLN A 292 12.15 -36.77 -16.92
C GLN A 292 12.31 -36.23 -15.51
N LEU A 293 11.75 -35.06 -15.20
CA LEU A 293 11.72 -34.57 -13.81
C LEU A 293 11.03 -35.58 -12.92
N LYS A 294 9.86 -36.04 -13.35
CA LYS A 294 9.10 -36.96 -12.51
C LYS A 294 9.85 -38.26 -12.32
N THR A 295 10.37 -38.84 -13.40
CA THR A 295 11.01 -40.13 -13.22
C THR A 295 12.25 -40.03 -12.35
N LYS A 296 13.05 -38.97 -12.48
CA LYS A 296 14.25 -39.00 -11.66
C LYS A 296 13.98 -38.69 -10.20
N TRP A 297 12.84 -38.10 -9.87
CA TRP A 297 12.47 -37.84 -8.49
C TRP A 297 11.51 -38.89 -7.94
N GLY A 298 11.26 -39.97 -8.68
CA GLY A 298 10.46 -41.07 -8.17
C GLY A 298 8.97 -40.90 -8.31
N PHE A 299 8.52 -39.99 -9.16
CA PHE A 299 7.12 -39.76 -9.42
C PHE A 299 6.72 -40.42 -10.74
N ASN A 300 5.42 -40.55 -10.94
CA ASN A 300 4.89 -41.18 -12.15
C ASN A 300 4.81 -40.15 -13.27
N PRO A 301 5.56 -40.30 -14.37
CA PRO A 301 5.51 -39.30 -15.45
C PRO A 301 4.18 -39.17 -16.13
N GLU A 302 3.27 -40.14 -15.92
CA GLU A 302 1.92 -40.10 -16.46
C GLU A 302 0.95 -39.33 -15.57
N GLU A 303 1.37 -38.93 -14.38
CA GLU A 303 0.49 -38.32 -13.39
C GLU A 303 0.85 -36.85 -13.20
N SER A 304 -0.16 -36.02 -13.03
N SER A 304 -0.17 -36.02 -13.03
CA SER A 304 0.03 -34.62 -12.68
CA SER A 304 0.00 -34.62 -12.68
C SER A 304 -0.67 -34.30 -11.36
C SER A 304 -0.64 -34.34 -11.33
N PHE A 305 -0.14 -33.28 -10.70
CA PHE A 305 -0.69 -32.78 -9.42
C PHE A 305 -0.67 -33.84 -8.33
N ALA A 306 0.38 -34.67 -8.30
CA ALA A 306 0.50 -35.70 -7.28
C ALA A 306 0.83 -35.10 -5.92
N VAL A 307 0.19 -35.61 -4.86
CA VAL A 307 0.51 -35.22 -3.50
C VAL A 307 0.69 -36.48 -2.67
N PRO A 308 1.91 -36.94 -2.46
CA PRO A 308 2.13 -38.13 -1.64
C PRO A 308 1.61 -37.93 -0.23
N ALA A 309 0.89 -38.93 0.27
CA ALA A 309 0.27 -38.78 1.59
C ALA A 309 1.30 -38.61 2.70
N GLU A 310 2.50 -39.15 2.53
CA GLU A 310 3.52 -38.95 3.56
C GLU A 310 3.91 -37.48 3.67
N VAL A 311 3.89 -36.75 2.54
CA VAL A 311 4.17 -35.32 2.60
C VAL A 311 3.09 -34.60 3.36
N THR A 312 1.82 -34.88 3.03
CA THR A 312 0.70 -34.31 3.75
C THR A 312 0.81 -34.59 5.24
N ALA A 313 1.17 -35.82 5.61
CA ALA A 313 1.27 -36.16 7.02
C ALA A 313 2.32 -35.30 7.73
N SER A 314 3.48 -35.16 7.10
N SER A 314 3.49 -35.15 7.09
CA SER A 314 4.57 -34.38 7.68
CA SER A 314 4.56 -34.37 7.74
C SER A 314 4.17 -32.92 7.85
C SER A 314 4.17 -32.91 7.86
N TYR A 315 3.51 -32.36 6.84
CA TYR A 315 3.09 -30.98 6.91
C TYR A 315 1.97 -30.80 7.93
N ASN A 316 1.06 -31.76 8.02
CA ASN A 316 0.00 -31.71 9.01
C ASN A 316 0.55 -31.72 10.43
N GLU A 317 1.64 -32.46 10.66
CA GLU A 317 2.23 -32.49 11.99
C GLU A 317 2.72 -31.10 12.38
N HIS A 318 3.35 -30.40 11.45
CA HIS A 318 3.82 -29.04 11.72
C HIS A 318 2.64 -28.12 11.97
N VAL A 319 1.57 -28.25 11.20
CA VAL A 319 0.37 -27.45 11.43
C VAL A 319 -0.18 -27.70 12.82
N ALA A 320 -0.28 -28.97 13.22
CA ALA A 320 -0.85 -29.28 14.54
C ALA A 320 0.00 -28.67 15.65
N GLU A 321 1.32 -28.72 15.50
CA GLU A 321 2.20 -28.08 16.49
C GLU A 321 1.99 -26.57 16.50
N ASN A 322 1.86 -25.95 15.33
CA ASN A 322 1.63 -24.52 15.25
C ASN A 322 0.29 -24.15 15.88
N GLN A 323 -0.74 -24.99 15.68
CA GLN A 323 -2.04 -24.71 16.27
C GLN A 323 -1.99 -24.78 17.79
N LYS A 324 -1.17 -25.70 18.33
CA LYS A 324 -0.99 -25.72 19.78
C LYS A 324 -0.26 -24.48 20.27
N ILE A 325 0.69 -23.96 19.48
CA ILE A 325 1.33 -22.69 19.82
C ILE A 325 0.31 -21.55 19.83
N GLN A 326 -0.56 -21.50 18.83
CA GLN A 326 -1.59 -20.45 18.83
C GLN A 326 -2.55 -20.62 20.01
N GLN A 327 -2.92 -21.86 20.32
CA GLN A 327 -3.80 -22.10 21.47
C GLN A 327 -3.17 -21.56 22.75
N GLN A 328 -1.88 -21.80 22.94
CA GLN A 328 -1.19 -21.27 24.10
C GLN A 328 -1.12 -19.75 24.05
N TRP A 329 -0.92 -19.17 22.88
CA TRP A 329 -0.95 -17.71 22.71
C TRP A 329 -2.30 -17.15 23.13
N ASN A 330 -3.39 -17.83 22.77
CA ASN A 330 -4.70 -17.35 23.18
C ASN A 330 -4.81 -17.33 24.70
N GLU A 331 -4.27 -18.33 25.38
CA GLU A 331 -4.29 -18.32 26.83
C GLU A 331 -3.37 -17.25 27.42
N LEU A 332 -2.23 -17.01 26.78
CA LEU A 332 -1.37 -15.91 27.20
C LEU A 332 -2.10 -14.59 27.10
N PHE A 333 -2.84 -14.40 26.01
CA PHE A 333 -3.60 -13.17 25.80
C PHE A 333 -4.70 -13.02 26.86
N ALA A 334 -5.37 -14.13 27.22
CA ALA A 334 -6.35 -14.05 28.29
C ALA A 334 -5.69 -13.65 29.61
N ALA A 335 -4.54 -14.23 29.92
CA ALA A 335 -3.83 -13.87 31.14
C ALA A 335 -3.33 -12.43 31.09
N TYR A 336 -2.96 -11.95 29.91
CA TYR A 336 -2.54 -10.58 29.73
C TYR A 336 -3.67 -9.63 30.07
N LYS A 337 -4.89 -9.94 29.61
CA LYS A 337 -6.04 -9.11 29.91
C LYS A 337 -6.33 -9.03 31.39
N GLN A 338 -6.05 -10.11 32.12
CA GLN A 338 -6.23 -10.08 33.57
C GLN A 338 -5.19 -9.19 34.24
N LYS A 339 -3.95 -9.29 33.81
CA LYS A 339 -2.89 -8.54 34.47
C LYS A 339 -2.80 -7.09 34.02
N TYR A 340 -3.11 -6.81 32.76
CA TYR A 340 -3.00 -5.49 32.15
C TYR A 340 -4.36 -5.17 31.54
N PRO A 341 -5.35 -4.84 32.36
CA PRO A 341 -6.72 -4.78 31.83
C PRO A 341 -6.91 -3.75 30.73
N GLU A 342 -6.30 -2.58 30.85
CA GLU A 342 -6.50 -1.53 29.86
C GLU A 342 -5.80 -1.84 28.55
N LEU A 343 -4.53 -2.27 28.62
CA LEU A 343 -3.83 -2.67 27.41
C LEU A 343 -4.51 -3.86 26.76
N GLY A 344 -4.99 -4.81 27.57
CA GLY A 344 -5.63 -5.98 27.01
C GLY A 344 -6.90 -5.63 26.25
N ALA A 345 -7.71 -4.74 26.81
CA ALA A 345 -8.93 -4.32 26.13
C ALA A 345 -8.62 -3.55 24.85
N GLU A 346 -7.58 -2.74 24.88
CA GLU A 346 -7.15 -2.01 23.69
C GLU A 346 -6.71 -2.98 22.61
N LEU A 347 -5.92 -3.97 22.99
CA LEU A 347 -5.46 -4.96 22.02
C LEU A 347 -6.66 -5.72 21.44
N GLN A 348 -7.58 -6.16 22.29
CA GLN A 348 -8.75 -6.87 21.80
C GLN A 348 -9.53 -6.03 20.81
N ARG A 349 -9.77 -4.75 21.14
CA ARG A 349 -10.48 -3.86 20.24
C ARG A 349 -9.80 -3.80 18.87
N ARG A 350 -8.48 -3.65 18.87
CA ARG A 350 -7.73 -3.58 17.62
C ARG A 350 -7.83 -4.87 16.83
N LEU A 351 -7.75 -6.02 17.50
CA LEU A 351 -7.87 -7.31 16.81
C LEU A 351 -9.27 -7.55 16.28
N ASP A 352 -10.28 -6.89 16.86
CA ASP A 352 -11.65 -6.91 16.36
C ASP A 352 -11.87 -5.93 15.21
N GLY A 353 -10.86 -5.11 14.88
CA GLY A 353 -10.97 -4.19 13.76
C GLY A 353 -11.76 -2.95 14.05
N LYS A 354 -11.88 -2.56 15.32
CA LYS A 354 -12.72 -1.44 15.72
C LYS A 354 -11.85 -0.32 16.26
N LEU A 355 -12.16 0.90 15.84
CA LEU A 355 -11.53 2.10 16.40
C LEU A 355 -12.11 2.38 17.79
N PRO A 356 -11.44 3.21 18.59
CA PRO A 356 -11.99 3.58 19.89
C PRO A 356 -13.36 4.21 19.74
N GLU A 357 -14.23 3.91 20.71
CA GLU A 357 -15.56 4.48 20.67
C GLU A 357 -15.49 5.99 20.70
N ASN A 358 -16.22 6.62 19.79
CA ASN A 358 -16.30 8.08 19.72
C ASN A 358 -14.94 8.75 19.52
N TRP A 359 -13.99 8.06 18.89
CA TRP A 359 -12.68 8.66 18.66
C TRP A 359 -12.81 9.97 17.90
N ASP A 360 -13.80 10.06 17.02
CA ASP A 360 -13.94 11.21 16.14
C ASP A 360 -14.34 12.47 16.87
N LYS A 361 -14.72 12.39 18.14
CA LYS A 361 -14.93 13.59 18.91
C LYS A 361 -13.65 14.40 19.10
N ALA A 362 -12.48 13.81 18.85
CA ALA A 362 -11.23 14.53 18.89
C ALA A 362 -10.97 15.34 17.63
N LEU A 363 -11.73 15.14 16.56
CA LEU A 363 -11.48 15.89 15.34
C LEU A 363 -11.77 17.37 15.56
N PRO A 364 -10.87 18.26 15.18
CA PRO A 364 -11.14 19.69 15.30
C PRO A 364 -12.31 20.14 14.44
N VAL A 365 -13.06 21.11 14.97
CA VAL A 365 -14.20 21.71 14.28
C VAL A 365 -13.97 23.22 14.27
N TYR A 366 -14.34 23.86 13.17
CA TYR A 366 -14.10 25.27 12.91
C TYR A 366 -15.42 25.96 12.55
N THR A 367 -15.41 27.28 12.70
CA THR A 367 -16.54 28.08 12.26
C THR A 367 -16.05 29.12 11.28
N PRO A 368 -16.97 29.80 10.58
CA PRO A 368 -16.53 30.83 9.64
C PRO A 368 -15.89 32.04 10.31
N ALA A 369 -16.00 32.18 11.63
CA ALA A 369 -15.31 33.27 12.34
C ALA A 369 -13.86 32.96 12.63
N ASP A 370 -13.43 31.72 12.46
CA ASP A 370 -12.05 31.36 12.74
C ASP A 370 -11.11 31.84 11.62
N ALA A 371 -9.84 31.97 11.96
CA ALA A 371 -8.84 32.48 11.04
C ALA A 371 -8.59 31.54 9.87
N ALA A 372 -8.06 32.12 8.79
CA ALA A 372 -7.59 31.33 7.66
C ALA A 372 -6.37 30.52 8.07
N VAL A 373 -6.28 29.31 7.53
CA VAL A 373 -5.22 28.34 7.87
C VAL A 373 -4.93 27.53 6.61
N ALA A 374 -3.66 27.19 6.38
CA ALA A 374 -3.33 26.27 5.28
C ALA A 374 -3.86 24.88 5.62
N THR A 375 -4.32 24.14 4.62
CA THR A 375 -4.78 22.80 4.94
C THR A 375 -3.64 21.88 5.35
N ARG A 376 -2.40 22.17 4.98
CA ARG A 376 -1.29 21.41 5.57
C ARG A 376 -1.27 21.57 7.08
N LYS A 377 -1.40 22.81 7.56
CA LYS A 377 -1.39 23.06 8.99
C LYS A 377 -2.60 22.46 9.68
N LEU A 378 -3.78 22.60 9.05
CA LEU A 378 -4.98 21.96 9.61
C LEU A 378 -4.78 20.47 9.77
N SER A 379 -4.17 19.83 8.77
CA SER A 379 -3.91 18.40 8.81
C SER A 379 -3.00 18.03 9.96
N GLU A 380 -1.93 18.79 10.14
CA GLU A 380 -1.00 18.50 11.21
C GLU A 380 -1.70 18.67 12.56
N ILE A 381 -2.59 19.65 12.67
CA ILE A 381 -3.39 19.82 13.89
C ILE A 381 -4.31 18.62 14.13
N VAL A 382 -4.99 18.14 13.10
CA VAL A 382 -5.80 16.94 13.25
C VAL A 382 -4.95 15.81 13.81
N LEU A 383 -3.81 15.53 13.16
CA LEU A 383 -2.97 14.43 13.59
C LEU A 383 -2.56 14.62 15.05
N SER A 384 -2.23 15.84 15.44
CA SER A 384 -1.81 16.10 16.81
C SER A 384 -2.91 15.79 17.82
N LYS A 385 -4.17 15.93 17.43
CA LYS A 385 -5.29 15.65 18.31
C LYS A 385 -5.69 14.19 18.33
N ILE A 386 -5.60 13.50 17.19
CA ILE A 386 -6.09 12.13 17.11
C ILE A 386 -5.02 11.09 17.46
N ILE A 387 -3.74 11.36 17.20
CA ILE A 387 -2.69 10.40 17.54
C ILE A 387 -2.73 10.03 19.01
N PRO A 388 -2.85 10.97 19.95
CA PRO A 388 -2.87 10.57 21.37
C PRO A 388 -4.08 9.73 21.75
N GLU A 389 -5.15 9.76 20.95
CA GLU A 389 -6.40 9.08 21.25
C GLU A 389 -6.58 7.76 20.51
N VAL A 390 -5.79 7.50 19.47
CA VAL A 390 -5.98 6.34 18.62
C VAL A 390 -4.62 5.65 18.48
N PRO A 391 -4.33 4.67 19.33
CA PRO A 391 -2.95 4.11 19.38
C PRO A 391 -2.51 3.43 18.10
N GLU A 392 -3.44 2.93 17.31
CA GLU A 392 -3.11 2.25 16.07
C GLU A 392 -2.75 3.21 14.95
N ILE A 393 -2.75 4.53 15.16
CA ILE A 393 -2.20 5.46 14.18
C ILE A 393 -0.69 5.57 14.40
N ILE A 394 0.08 5.27 13.35
CA ILE A 394 1.49 5.60 13.27
C ILE A 394 1.70 6.17 11.86
N GLY A 395 2.82 6.84 11.66
CA GLY A 395 3.10 7.35 10.32
C GLY A 395 4.44 8.01 10.29
N GLY A 396 4.72 8.73 9.21
CA GLY A 396 6.00 9.37 9.08
C GLY A 396 6.03 10.27 7.86
N SER A 397 7.24 10.65 7.44
CA SER A 397 7.40 11.49 6.27
C SER A 397 8.71 11.15 5.55
N ALA A 398 8.75 11.54 4.28
CA ALA A 398 9.87 11.33 3.38
C ALA A 398 9.96 12.54 2.46
N ASP A 399 11.16 13.08 2.30
CA ASP A 399 11.43 14.14 1.34
C ASP A 399 10.54 15.34 1.65
N LEU A 400 10.68 15.83 2.89
CA LEU A 400 9.78 16.82 3.44
C LEU A 400 10.42 17.42 4.68
N THR A 401 10.53 18.73 4.76
CA THR A 401 11.15 19.33 5.93
C THR A 401 10.32 19.07 7.18
N PRO A 402 10.95 19.02 8.35
CA PRO A 402 10.18 18.90 9.60
C PRO A 402 9.16 20.00 9.81
N SER A 403 9.41 21.21 9.31
N SER A 403 9.42 21.20 9.30
CA SER A 403 8.43 22.27 9.47
CA SER A 403 8.45 22.28 9.42
C SER A 403 7.17 22.04 8.65
C SER A 403 7.17 22.02 8.65
N ASN A 404 7.22 21.15 7.65
CA ASN A 404 6.03 20.78 6.89
C ASN A 404 5.31 19.55 7.46
N LEU A 405 5.98 18.67 8.19
CA LEU A 405 5.32 17.65 9.00
C LEU A 405 6.34 17.08 9.96
N THR A 406 5.92 16.91 11.21
CA THR A 406 6.73 16.26 12.23
C THR A 406 5.80 15.43 13.11
N LYS A 407 6.38 14.72 14.07
CA LYS A 407 5.62 13.88 14.98
C LYS A 407 4.64 14.72 15.81
N ALA A 408 3.60 14.06 16.29
CA ALA A 408 2.68 14.70 17.21
C ALA A 408 3.36 14.97 18.55
N LYS A 409 3.08 16.13 19.12
CA LYS A 409 3.56 16.45 20.46
C LYS A 409 3.15 15.34 21.42
N GLY A 410 4.08 14.95 22.29
CA GLY A 410 3.86 13.88 23.24
C GLY A 410 4.27 12.50 22.76
N THR A 411 4.77 12.38 21.53
CA THR A 411 5.28 11.12 21.01
C THR A 411 6.76 11.25 20.70
N VAL A 412 7.39 10.13 20.37
CA VAL A 412 8.78 10.08 19.95
C VAL A 412 8.86 9.37 18.60
N ASP A 413 10.01 9.52 17.94
CA ASP A 413 10.22 8.81 16.68
C ASP A 413 10.39 7.32 16.92
N PHE A 414 9.95 6.55 15.94
CA PHE A 414 10.24 5.13 15.84
C PHE A 414 11.70 4.95 15.43
N GLN A 415 12.52 4.47 16.35
CA GLN A 415 13.93 4.19 16.13
C GLN A 415 14.31 3.06 17.06
N PRO A 416 15.34 2.27 16.74
CA PRO A 416 15.90 1.38 17.76
C PRO A 416 16.49 2.20 18.89
N ALA A 417 16.20 1.79 20.12
CA ALA A 417 16.69 2.51 21.29
C ALA A 417 18.21 2.64 21.29
N ALA A 418 18.92 1.69 20.69
CA ALA A 418 20.38 1.76 20.66
C ALA A 418 20.89 3.05 20.04
N THR A 419 20.11 3.69 19.17
CA THR A 419 20.54 4.94 18.54
C THR A 419 20.44 6.15 19.46
N GLY A 420 19.62 6.06 20.50
CA GLY A 420 19.31 7.21 21.33
C GLY A 420 18.38 8.23 20.70
N LEU A 421 17.80 7.93 19.52
CA LEU A 421 17.03 8.91 18.76
C LEU A 421 15.53 8.64 18.80
N GLY A 422 15.11 7.59 19.46
CA GLY A 422 13.72 7.19 19.51
C GLY A 422 13.65 5.83 20.20
N ASP A 423 12.54 5.15 19.99
CA ASP A 423 12.32 3.83 20.56
C ASP A 423 11.37 3.09 19.63
N TYR A 424 11.35 1.76 19.69
CA TYR A 424 10.38 1.04 18.88
C TYR A 424 8.95 1.30 19.30
N SER A 425 8.71 1.80 20.52
CA SER A 425 7.37 2.22 20.91
C SER A 425 6.95 3.55 20.25
N GLY A 426 7.88 4.22 19.57
CA GLY A 426 7.58 5.49 18.95
C GLY A 426 6.56 5.38 17.85
N ARG A 427 6.11 6.54 17.40
CA ARG A 427 4.96 6.63 16.52
C ARG A 427 5.23 7.31 15.20
N TYR A 428 6.41 7.88 15.02
CA TYR A 428 6.71 8.69 13.84
C TYR A 428 7.97 8.17 13.19
N ILE A 429 7.84 7.79 11.92
CA ILE A 429 8.88 7.12 11.16
C ILE A 429 9.61 8.14 10.28
N ARG A 430 10.93 8.20 10.44
CA ARG A 430 11.77 9.07 9.63
C ARG A 430 12.22 8.24 8.43
N TYR A 431 11.44 8.32 7.35
CA TYR A 431 11.69 7.46 6.20
C TYR A 431 12.91 7.87 5.40
N GLY A 432 13.42 9.08 5.61
CA GLY A 432 14.42 9.64 4.73
C GLY A 432 13.80 9.97 3.38
N VAL A 433 14.67 10.28 2.41
CA VAL A 433 14.23 10.79 1.11
C VAL A 433 13.94 9.59 0.20
N ARG A 434 12.85 8.91 0.54
CA ARG A 434 12.56 7.57 0.06
C ARG A 434 11.06 7.40 -0.15
N GLU A 435 10.46 8.20 -1.04
CA GLU A 435 9.00 8.17 -1.18
C GLU A 435 8.49 6.80 -1.58
N HIS A 436 9.13 6.17 -2.57
CA HIS A 436 8.60 4.91 -3.08
C HIS A 436 8.63 3.84 -2.01
N ALA A 437 9.75 3.71 -1.31
CA ALA A 437 9.80 2.75 -0.22
C ALA A 437 8.81 3.10 0.88
N MET A 438 8.64 4.39 1.19
CA MET A 438 7.62 4.76 2.15
C MET A 438 6.26 4.20 1.73
N GLY A 439 5.90 4.37 0.46
CA GLY A 439 4.62 3.85 0.00
C GLY A 439 4.48 2.36 0.18
N ALA A 440 5.53 1.60 -0.14
CA ALA A 440 5.46 0.14 -0.05
C ALA A 440 5.57 -0.33 1.39
N ILE A 441 6.33 0.38 2.22
CA ILE A 441 6.39 0.08 3.66
C ILE A 441 5.03 0.33 4.30
N MET A 442 4.36 1.42 3.91
CA MET A 442 3.01 1.66 4.41
C MET A 442 2.10 0.48 4.12
N ASN A 443 2.21 -0.10 2.91
CA ASN A 443 1.40 -1.27 2.59
C ASN A 443 1.72 -2.42 3.53
N GLY A 444 2.99 -2.63 3.85
CA GLY A 444 3.35 -3.68 4.80
C GLY A 444 2.84 -3.44 6.20
N ILE A 445 2.89 -2.19 6.67
CA ILE A 445 2.32 -1.87 7.99
C ILE A 445 0.83 -2.19 8.01
N ALA A 446 0.10 -1.79 6.97
CA ALA A 446 -1.32 -2.11 6.89
C ALA A 446 -1.52 -3.61 6.88
N ALA A 447 -0.69 -4.33 6.13
CA ALA A 447 -0.81 -5.78 6.01
C ALA A 447 -0.56 -6.49 7.33
N PHE A 448 0.25 -5.90 8.21
CA PHE A 448 0.46 -6.53 9.52
C PHE A 448 -0.88 -6.77 10.21
N GLY A 449 -1.78 -5.80 10.13
CA GLY A 449 -3.09 -5.89 10.73
C GLY A 449 -3.17 -5.12 12.03
N ALA A 450 -3.90 -5.67 13.00
CA ALA A 450 -4.07 -5.03 14.30
C ALA A 450 -4.63 -3.62 14.16
N ASN A 451 -5.42 -3.39 13.13
CA ASN A 451 -6.10 -2.12 12.90
C ASN A 451 -5.14 -0.96 12.63
N TYR A 452 -3.88 -1.22 12.26
CA TYR A 452 -2.97 -0.11 11.98
C TYR A 452 -3.54 0.79 10.90
N LYS A 453 -3.56 2.09 11.18
CA LYS A 453 -4.01 3.13 10.26
C LYS A 453 -2.79 4.04 10.11
N ASN A 454 -2.03 3.86 9.03
CA ASN A 454 -0.73 4.51 8.93
C ASN A 454 -0.64 5.47 7.77
N TYR A 455 0.20 6.48 7.94
CA TYR A 455 0.27 7.60 7.03
C TYR A 455 1.71 7.93 6.66
N GLY A 456 1.84 8.63 5.53
CA GLY A 456 3.13 9.04 5.01
C GLY A 456 3.03 10.38 4.36
N GLY A 457 3.85 11.31 4.82
CA GLY A 457 3.82 12.68 4.31
C GLY A 457 4.94 12.98 3.33
N THR A 458 4.58 13.71 2.28
CA THR A 458 5.55 14.27 1.33
C THR A 458 4.85 15.37 0.53
N PHE A 459 5.54 15.95 -0.45
CA PHE A 459 4.87 16.86 -1.38
C PHE A 459 4.03 16.05 -2.36
N LEU A 460 2.85 16.56 -2.71
CA LEU A 460 1.98 15.86 -3.64
C LEU A 460 2.71 15.49 -4.93
N ASN A 461 3.53 16.39 -5.48
CA ASN A 461 4.16 16.07 -6.75
C ASN A 461 5.08 14.86 -6.66
N PHE A 462 5.57 14.55 -5.48
N PHE A 462 5.61 14.60 -5.44
CA PHE A 462 6.50 13.43 -5.36
CA PHE A 462 6.54 13.51 -5.15
C PHE A 462 5.83 12.17 -4.82
C PHE A 462 5.81 12.18 -4.90
N VAL A 463 4.51 12.21 -4.60
CA VAL A 463 3.77 10.96 -4.47
C VAL A 463 3.93 10.15 -5.76
N SER A 464 4.10 10.86 -6.89
CA SER A 464 4.31 10.22 -8.17
C SER A 464 5.53 9.31 -8.20
N TYR A 465 6.57 9.62 -7.42
N TYR A 465 6.58 9.61 -7.41
CA TYR A 465 7.75 8.76 -7.30
CA TYR A 465 7.73 8.71 -7.35
C TYR A 465 7.41 7.38 -6.74
C TYR A 465 7.33 7.34 -6.85
N ALA A 466 6.27 7.28 -6.06
CA ALA A 466 5.82 6.07 -5.39
C ALA A 466 4.64 5.42 -6.09
N ALA A 467 4.35 5.79 -7.34
CA ALA A 467 3.19 5.28 -8.04
C ALA A 467 3.11 3.76 -8.04
N GLY A 468 4.25 3.06 -8.17
CA GLY A 468 4.22 1.60 -8.15
C GLY A 468 3.55 1.04 -6.92
N ALA A 469 3.89 1.58 -5.77
CA ALA A 469 3.32 1.17 -4.50
C ALA A 469 1.90 1.69 -4.29
N VAL A 470 1.62 2.93 -4.70
CA VAL A 470 0.29 3.51 -4.51
C VAL A 470 -0.76 2.66 -5.22
N ARG A 471 -0.47 2.28 -6.46
CA ARG A 471 -1.41 1.47 -7.20
C ARG A 471 -1.67 0.15 -6.48
N LEU A 472 -0.62 -0.42 -5.88
CA LEU A 472 -0.79 -1.64 -5.11
C LEU A 472 -1.57 -1.42 -3.83
N SER A 473 -1.50 -0.24 -3.23
CA SER A 473 -2.39 0.04 -2.11
C SER A 473 -3.86 -0.11 -2.52
N ALA A 474 -4.17 0.40 -3.71
CA ALA A 474 -5.54 0.35 -4.23
C ALA A 474 -5.95 -1.08 -4.56
N LEU A 475 -5.08 -1.80 -5.28
CA LEU A 475 -5.37 -3.19 -5.67
C LEU A 475 -5.45 -4.12 -4.47
N SER A 476 -4.65 -3.85 -3.42
CA SER A 476 -4.59 -4.66 -2.21
C SER A 476 -5.66 -4.26 -1.20
N GLU A 477 -6.35 -3.17 -1.43
CA GLU A 477 -7.42 -2.69 -0.55
C GLU A 477 -6.88 -2.35 0.84
N PHE A 478 -5.75 -1.65 0.89
CA PHE A 478 -5.16 -1.27 2.18
C PHE A 478 -5.49 0.17 2.55
N PRO A 479 -5.89 0.39 3.80
CA PRO A 479 -6.26 1.74 4.27
C PRO A 479 -5.02 2.50 4.75
N ILE A 480 -4.19 2.87 3.79
CA ILE A 480 -3.04 3.73 4.02
C ILE A 480 -3.42 5.16 3.63
N THR A 481 -2.66 6.13 4.13
CA THR A 481 -2.96 7.55 3.89
C THR A 481 -1.70 8.31 3.51
N TRP A 482 -1.74 8.98 2.36
CA TRP A 482 -0.71 9.93 1.98
C TRP A 482 -1.13 11.33 2.41
N VAL A 483 -0.25 12.01 3.14
CA VAL A 483 -0.45 13.37 3.59
C VAL A 483 0.37 14.21 2.63
N ALA A 484 -0.29 14.73 1.59
CA ALA A 484 0.38 15.20 0.37
C ALA A 484 0.24 16.72 0.27
N THR A 485 1.20 17.41 0.86
CA THR A 485 1.14 18.86 0.94
C THR A 485 1.69 19.55 -0.32
N HIS A 486 1.48 20.85 -0.38
CA HIS A 486 2.01 21.67 -1.47
C HIS A 486 1.42 21.22 -2.81
N ASP A 487 0.09 21.28 -2.83
CA ASP A 487 -0.70 20.58 -3.84
C ASP A 487 -0.72 21.20 -5.22
N SER A 488 -0.26 22.43 -5.40
CA SER A 488 -0.52 23.14 -6.66
C SER A 488 0.49 24.26 -6.85
N ILE A 489 0.25 25.08 -7.87
CA ILE A 489 0.93 26.35 -8.05
C ILE A 489 0.87 27.22 -6.79
N GLY A 490 -0.07 26.96 -5.88
CA GLY A 490 -0.11 27.64 -4.61
C GLY A 490 1.16 27.54 -3.79
N LEU A 491 2.03 26.56 -4.09
CA LEU A 491 3.31 26.48 -3.38
C LEU A 491 4.25 27.60 -3.81
N GLY A 492 4.08 28.17 -5.01
CA GLY A 492 4.86 29.32 -5.42
C GLY A 492 6.26 29.04 -5.94
N GLU A 493 7.26 29.50 -5.19
CA GLU A 493 8.59 29.76 -5.73
C GLU A 493 9.37 28.53 -6.17
N ASP A 494 9.14 27.36 -5.56
CA ASP A 494 9.88 26.17 -6.00
C ASP A 494 9.64 25.87 -7.48
N GLY A 495 8.50 26.28 -8.04
CA GLY A 495 8.33 26.28 -9.47
C GLY A 495 7.81 24.98 -10.06
N PRO A 496 7.84 24.88 -11.40
CA PRO A 496 7.08 23.83 -12.09
C PRO A 496 7.59 22.42 -11.85
N THR A 497 8.84 22.27 -11.45
CA THR A 497 9.39 20.98 -11.06
C THR A 497 8.70 20.40 -9.83
N HIS A 498 8.01 21.24 -9.05
CA HIS A 498 7.40 20.85 -7.81
C HIS A 498 5.88 20.96 -7.81
N GLN A 499 5.29 21.56 -8.85
CA GLN A 499 3.87 21.92 -8.85
C GLN A 499 3.03 20.87 -9.59
N PRO A 500 2.15 20.15 -8.89
CA PRO A 500 1.30 19.14 -9.54
C PRO A 500 0.40 19.73 -10.61
N ILE A 501 0.23 18.96 -11.69
CA ILE A 501 -0.72 19.25 -12.76
C ILE A 501 -1.58 18.01 -13.03
N GLU A 502 -0.91 16.89 -13.28
CA GLU A 502 -1.49 15.63 -13.68
C GLU A 502 -1.81 14.73 -12.48
N THR A 503 -1.35 15.08 -11.29
CA THR A 503 -1.22 14.09 -10.21
C THR A 503 -2.57 13.62 -9.70
N LEU A 504 -3.52 14.54 -9.49
N LEU A 504 -3.52 14.53 -9.48
CA LEU A 504 -4.83 14.12 -9.01
CA LEU A 504 -4.83 14.11 -9.01
C LEU A 504 -5.57 13.31 -10.06
C LEU A 504 -5.56 13.30 -10.06
N ALA A 505 -5.44 13.69 -11.34
CA ALA A 505 -6.08 12.92 -12.39
C ALA A 505 -5.57 11.49 -12.43
N HIS A 506 -4.26 11.33 -12.29
CA HIS A 506 -3.64 10.01 -12.27
C HIS A 506 -4.26 9.14 -11.17
N PHE A 507 -4.30 9.65 -9.95
CA PHE A 507 -4.76 8.81 -8.85
C PHE A 507 -6.29 8.68 -8.82
N ARG A 508 -7.03 9.71 -9.23
CA ARG A 508 -8.49 9.58 -9.36
C ARG A 508 -8.86 8.56 -10.43
N ALA A 509 -8.04 8.42 -11.47
CA ALA A 509 -8.28 7.46 -12.53
C ALA A 509 -7.92 6.05 -12.13
N THR A 510 -7.20 5.88 -11.01
CA THR A 510 -6.88 4.56 -10.50
C THR A 510 -8.07 4.07 -9.70
N PRO A 511 -8.53 2.83 -9.92
CA PRO A 511 -9.64 2.32 -9.10
C PRO A 511 -9.29 2.35 -7.62
N ASN A 512 -10.30 2.63 -6.80
CA ASN A 512 -10.19 2.46 -5.35
C ASN A 512 -9.13 3.35 -4.69
N ILE A 513 -9.06 4.63 -5.10
CA ILE A 513 -8.30 5.63 -4.36
C ILE A 513 -9.19 6.82 -4.03
N SER A 514 -9.30 7.12 -2.74
N SER A 514 -9.38 7.08 -2.74
CA SER A 514 -10.00 8.30 -2.24
CA SER A 514 -10.01 8.32 -2.30
C SER A 514 -9.01 9.46 -2.24
C SER A 514 -8.97 9.42 -2.35
N VAL A 515 -9.29 10.49 -3.07
CA VAL A 515 -8.40 11.63 -3.25
C VAL A 515 -9.09 12.86 -2.68
N TRP A 516 -8.79 13.16 -1.43
CA TRP A 516 -9.41 14.27 -0.72
C TRP A 516 -8.61 15.53 -0.96
N ARG A 517 -9.31 16.61 -1.29
CA ARG A 517 -8.68 17.92 -1.50
C ARG A 517 -9.48 18.91 -0.68
N PRO A 518 -9.31 18.90 0.64
CA PRO A 518 -10.20 19.67 1.52
C PRO A 518 -9.99 21.16 1.35
N ALA A 519 -11.08 21.91 1.47
CA ALA A 519 -11.01 23.35 1.29
C ALA A 519 -10.73 24.13 2.58
N ASP A 520 -10.99 23.54 3.74
CA ASP A 520 -10.93 24.32 4.98
C ASP A 520 -10.82 23.39 6.17
N GLY A 521 -10.95 23.94 7.37
CA GLY A 521 -10.78 23.14 8.57
C GLY A 521 -11.78 22.01 8.70
N ASN A 522 -13.07 22.28 8.51
CA ASN A 522 -14.04 21.21 8.64
C ASN A 522 -13.85 20.13 7.59
N GLU A 523 -13.54 20.53 6.35
CA GLU A 523 -13.33 19.51 5.33
C GLU A 523 -12.09 18.68 5.63
N THR A 524 -11.05 19.28 6.22
CA THR A 524 -9.84 18.52 6.54
C THR A 524 -10.16 17.47 7.60
N SER A 525 -10.98 17.82 8.59
CA SER A 525 -11.40 16.84 9.58
C SER A 525 -12.22 15.72 8.94
N ALA A 526 -13.11 16.04 8.00
CA ALA A 526 -13.84 14.99 7.30
C ALA A 526 -12.91 14.07 6.53
N ALA A 527 -11.87 14.63 5.92
CA ALA A 527 -10.94 13.82 5.16
C ALA A 527 -10.24 12.81 6.06
N TYR A 528 -9.83 13.24 7.26
CA TYR A 528 -9.22 12.32 8.21
C TYR A 528 -10.23 11.33 8.76
N LYS A 529 -11.48 11.73 9.00
CA LYS A 529 -12.47 10.76 9.45
C LYS A 529 -12.55 9.64 8.45
N SER A 530 -12.59 9.96 7.16
CA SER A 530 -12.65 8.95 6.12
C SER A 530 -11.37 8.11 6.09
N ALA A 531 -10.22 8.75 6.15
CA ALA A 531 -8.95 8.04 6.03
C ALA A 531 -8.73 7.06 7.17
N ILE A 532 -9.08 7.45 8.40
CA ILE A 532 -8.84 6.62 9.57
C ILE A 532 -9.89 5.52 9.69
N GLU A 533 -11.14 5.81 9.31
CA GLU A 533 -12.19 4.79 9.33
C GLU A 533 -12.04 3.78 8.21
N SER A 534 -11.30 4.10 7.17
CA SER A 534 -11.15 3.22 6.04
C SER A 534 -10.65 1.85 6.47
N THR A 535 -11.20 0.82 5.83
CA THR A 535 -10.66 -0.52 5.96
C THR A 535 -10.21 -1.13 4.64
N HIS A 536 -10.65 -0.57 3.49
CA HIS A 536 -10.35 -1.17 2.21
C HIS A 536 -9.95 -0.18 1.13
N THR A 537 -9.76 1.09 1.45
CA THR A 537 -9.51 2.10 0.43
C THR A 537 -8.40 3.04 0.84
N PRO A 538 -7.30 3.09 0.08
CA PRO A 538 -6.26 4.06 0.39
C PRO A 538 -6.72 5.48 0.12
N HIS A 539 -6.13 6.42 0.86
CA HIS A 539 -6.45 7.83 0.80
C HIS A 539 -5.21 8.63 0.44
N ILE A 540 -5.41 9.66 -0.38
CA ILE A 540 -4.43 10.71 -0.62
C ILE A 540 -5.11 12.02 -0.24
N LEU A 541 -4.50 12.77 0.68
CA LEU A 541 -5.00 14.06 1.12
C LEU A 541 -4.11 15.13 0.49
N ALA A 542 -4.68 15.89 -0.44
CA ALA A 542 -3.98 16.97 -1.15
C ALA A 542 -4.20 18.26 -0.37
N LEU A 543 -3.09 18.82 0.12
CA LEU A 543 -3.13 19.87 1.14
C LEU A 543 -2.32 21.08 0.66
N THR A 544 -2.65 22.25 1.17
CA THR A 544 -2.08 23.50 0.67
C THR A 544 -0.92 24.00 1.53
N ARG A 545 0.04 24.64 0.83
CA ARG A 545 0.99 25.50 1.51
C ARG A 545 0.32 26.75 2.04
N GLN A 546 -0.54 27.38 1.23
CA GLN A 546 -1.06 28.70 1.47
C GLN A 546 -2.33 28.66 2.34
N ASN A 547 -2.59 29.77 3.03
CA ASN A 547 -3.75 29.86 3.90
C ASN A 547 -5.05 29.94 3.11
N LEU A 548 -6.10 29.32 3.64
CA LEU A 548 -7.43 29.35 3.06
C LEU A 548 -8.44 29.74 4.13
N PRO A 549 -9.50 30.47 3.79
CA PRO A 549 -10.50 30.88 4.79
C PRO A 549 -11.38 29.71 5.23
N GLN A 550 -11.93 29.82 6.44
CA GLN A 550 -12.98 28.91 6.85
C GLN A 550 -14.26 29.28 6.11
N LEU A 551 -14.95 28.28 5.56
CA LEU A 551 -16.08 28.52 4.67
C LEU A 551 -17.40 28.58 5.43
N GLU A 552 -18.22 29.55 5.04
CA GLU A 552 -19.62 29.53 5.45
C GLU A 552 -20.34 28.36 4.77
N GLY A 553 -20.88 27.44 5.56
CA GLY A 553 -21.60 26.29 5.05
C GLY A 553 -20.87 24.97 5.13
N SER A 554 -19.59 24.96 5.50
CA SER A 554 -18.89 23.68 5.61
C SER A 554 -19.14 23.05 6.97
N SER A 555 -19.04 21.72 7.01
CA SER A 555 -19.12 20.95 8.24
C SER A 555 -18.49 19.59 7.98
N ILE A 556 -18.12 18.90 9.05
CA ILE A 556 -17.68 17.51 8.91
C ILE A 556 -18.82 16.68 8.31
N GLU A 557 -20.04 16.88 8.79
CA GLU A 557 -21.17 16.08 8.31
C GLU A 557 -21.32 16.20 6.80
N LYS A 558 -21.39 17.43 6.27
CA LYS A 558 -21.63 17.57 4.84
C LYS A 558 -20.42 17.10 4.04
N ALA A 559 -19.21 17.45 4.48
CA ALA A 559 -18.02 17.06 3.73
C ALA A 559 -17.82 15.57 3.70
N SER A 560 -18.34 14.85 4.69
CA SER A 560 -18.24 13.40 4.72
C SER A 560 -18.99 12.72 3.59
N LYS A 561 -19.86 13.45 2.88
CA LYS A 561 -20.54 12.92 1.71
C LYS A 561 -19.67 13.00 0.45
N GLY A 562 -18.47 13.57 0.55
CA GLY A 562 -17.57 13.66 -0.59
C GLY A 562 -17.80 14.85 -1.48
N GLY A 563 -19.07 15.18 -1.70
CA GLY A 563 -19.48 16.37 -2.42
C GLY A 563 -20.76 16.87 -1.81
N TYR A 564 -20.91 18.19 -1.72
CA TYR A 564 -22.08 18.77 -1.10
C TYR A 564 -22.31 20.17 -1.63
N THR A 565 -23.55 20.62 -1.49
CA THR A 565 -23.91 21.99 -1.85
C THR A 565 -23.46 22.92 -0.73
N LEU A 566 -22.48 23.77 -1.04
CA LEU A 566 -21.97 24.75 -0.10
C LEU A 566 -22.87 25.98 -0.09
N VAL A 567 -23.15 26.53 -1.26
CA VAL A 567 -24.04 27.68 -1.42
C VAL A 567 -25.17 27.23 -2.34
N GLN A 568 -26.37 27.12 -1.78
CA GLN A 568 -27.57 26.76 -2.53
C GLN A 568 -28.17 28.03 -3.13
N GLN A 569 -28.52 27.96 -4.42
CA GLN A 569 -29.17 29.05 -5.12
C GLN A 569 -30.34 28.46 -5.91
N ASP A 570 -31.56 28.61 -5.40
CA ASP A 570 -32.71 28.02 -6.07
C ASP A 570 -32.97 28.58 -7.46
N LYS A 571 -32.51 29.76 -7.77
CA LYS A 571 -32.69 30.26 -9.14
C LYS A 571 -31.36 30.36 -9.86
N ALA A 572 -30.51 29.36 -9.71
CA ALA A 572 -29.16 29.48 -10.22
C ALA A 572 -29.15 29.52 -11.75
N ASP A 573 -28.36 30.45 -12.28
CA ASP A 573 -28.00 30.44 -13.69
C ASP A 573 -26.85 29.49 -13.98
N ILE A 574 -26.05 29.18 -12.95
CA ILE A 574 -24.90 28.31 -13.08
C ILE A 574 -24.58 27.77 -11.70
N ILE A 575 -24.00 26.57 -11.65
CA ILE A 575 -23.38 26.04 -10.44
C ILE A 575 -21.90 25.91 -10.72
N ILE A 576 -21.09 26.39 -9.76
CA ILE A 576 -19.64 26.23 -9.82
C ILE A 576 -19.26 25.12 -8.86
N VAL A 577 -18.63 24.07 -9.37
CA VAL A 577 -18.13 22.96 -8.55
C VAL A 577 -16.61 23.10 -8.45
N ALA A 578 -16.08 22.99 -7.24
CA ALA A 578 -14.67 23.23 -7.01
C ALA A 578 -14.18 22.36 -5.86
N THR A 579 -12.86 22.32 -5.71
CA THR A 579 -12.20 21.60 -4.63
C THR A 579 -11.15 22.51 -3.99
N GLY A 580 -10.79 22.17 -2.75
CA GLY A 580 -9.60 22.72 -2.14
C GLY A 580 -9.56 24.23 -2.17
N SER A 581 -8.41 24.76 -2.57
CA SER A 581 -8.20 26.19 -2.63
C SER A 581 -9.14 26.91 -3.59
N GLU A 582 -9.76 26.19 -4.54
CA GLU A 582 -10.62 26.83 -5.50
C GLU A 582 -12.05 26.99 -5.01
N VAL A 583 -12.43 26.42 -3.88
CA VAL A 583 -13.78 26.65 -3.35
C VAL A 583 -13.94 28.10 -2.90
N SER A 584 -12.98 28.61 -2.14
CA SER A 584 -13.02 30.02 -1.74
C SER A 584 -13.00 30.94 -2.96
N LEU A 585 -12.25 30.55 -3.99
CA LEU A 585 -12.23 31.31 -5.24
C LEU A 585 -13.62 31.35 -5.86
N ALA A 586 -14.31 30.19 -5.91
CA ALA A 586 -15.66 30.13 -6.43
C ALA A 586 -16.63 31.02 -5.64
N VAL A 587 -16.51 31.00 -4.30
CA VAL A 587 -17.36 31.85 -3.49
C VAL A 587 -17.12 33.33 -3.80
N ASP A 588 -15.86 33.73 -3.97
CA ASP A 588 -15.57 35.12 -4.36
C ASP A 588 -16.09 35.42 -5.77
N ALA A 589 -15.99 34.46 -6.69
CA ALA A 589 -16.53 34.65 -8.02
C ALA A 589 -18.04 34.83 -8.01
N LEU A 590 -18.74 34.13 -7.12
CA LEU A 590 -20.19 34.28 -6.99
C LEU A 590 -20.54 35.74 -6.76
N LYS A 591 -19.77 36.43 -5.92
CA LYS A 591 -20.04 37.83 -5.65
C LYS A 591 -19.80 38.71 -6.88
N VAL A 592 -18.72 38.45 -7.63
CA VAL A 592 -18.51 39.17 -8.89
C VAL A 592 -19.69 38.94 -9.83
N LEU A 593 -20.13 37.69 -9.94
CA LEU A 593 -21.22 37.36 -10.86
C LEU A 593 -22.50 38.07 -10.47
N GLU A 594 -22.77 38.21 -9.17
CA GLU A 594 -23.97 38.92 -8.74
C GLU A 594 -24.00 40.33 -9.33
N GLY A 595 -22.85 40.99 -9.38
CA GLY A 595 -22.78 42.33 -9.96
C GLY A 595 -23.00 42.37 -11.46
N GLN A 596 -22.83 41.22 -12.13
CA GLN A 596 -23.11 41.05 -13.54
C GLN A 596 -24.52 40.51 -13.79
N GLY A 597 -25.33 40.36 -12.75
CA GLY A 597 -26.69 39.86 -12.90
C GLY A 597 -26.79 38.37 -13.06
N ILE A 598 -25.79 37.61 -12.63
CA ILE A 598 -25.77 36.17 -12.75
C ILE A 598 -25.78 35.57 -11.35
N LYS A 599 -26.70 34.65 -11.11
CA LYS A 599 -26.84 33.98 -9.82
C LYS A 599 -26.17 32.61 -9.88
N ALA A 600 -25.20 32.38 -9.02
CA ALA A 600 -24.49 31.11 -8.99
C ALA A 600 -24.70 30.36 -7.67
N GLY A 601 -24.69 29.03 -7.76
CA GLY A 601 -24.50 28.18 -6.60
C GLY A 601 -23.05 27.68 -6.57
N VAL A 602 -22.63 27.15 -5.40
CA VAL A 602 -21.32 26.55 -5.26
C VAL A 602 -21.45 25.16 -4.66
N VAL A 603 -20.77 24.20 -5.27
CA VAL A 603 -20.59 22.85 -4.76
C VAL A 603 -19.13 22.66 -4.41
N SER A 604 -18.88 22.08 -3.23
CA SER A 604 -17.55 21.64 -2.85
C SER A 604 -17.48 20.13 -3.01
N LEU A 605 -16.42 19.64 -3.66
CA LEU A 605 -16.26 18.23 -4.00
C LEU A 605 -14.97 17.70 -3.41
N PRO A 606 -14.86 17.65 -2.08
CA PRO A 606 -13.56 17.25 -1.48
C PRO A 606 -13.09 15.85 -1.82
N ASP A 607 -13.96 14.88 -2.08
CA ASP A 607 -13.51 13.57 -2.57
C ASP A 607 -14.48 13.02 -3.60
N GLN A 608 -14.00 12.89 -4.83
CA GLN A 608 -14.83 12.37 -5.92
C GLN A 608 -15.23 10.92 -5.69
N LEU A 609 -14.37 10.09 -5.11
CA LEU A 609 -14.72 8.68 -4.92
C LEU A 609 -15.86 8.56 -3.89
N THR A 610 -15.71 9.22 -2.74
CA THR A 610 -16.76 9.20 -1.74
C THR A 610 -18.07 9.72 -2.32
N PHE A 611 -18.00 10.82 -3.09
CA PHE A 611 -19.20 11.34 -3.70
C PHE A 611 -19.85 10.31 -4.62
N ASP A 612 -19.04 9.68 -5.47
CA ASP A 612 -19.57 8.71 -6.43
C ASP A 612 -20.33 7.59 -5.72
N LYS A 613 -19.90 7.23 -4.51
CA LYS A 613 -20.52 6.15 -3.76
C LYS A 613 -21.83 6.55 -3.08
N GLN A 614 -22.22 7.82 -3.10
CA GLN A 614 -23.49 8.22 -2.53
C GLN A 614 -24.64 7.80 -3.44
N SER A 615 -25.88 7.88 -2.94
CA SER A 615 -27.03 7.49 -3.73
C SER A 615 -27.19 8.41 -4.94
N GLU A 616 -27.85 7.87 -5.97
CA GLU A 616 -28.10 8.68 -7.16
C GLU A 616 -28.91 9.92 -6.82
N GLU A 617 -29.89 9.78 -5.93
CA GLU A 617 -30.71 10.93 -5.55
C GLU A 617 -29.88 11.97 -4.81
N TYR A 618 -29.00 11.55 -3.89
CA TYR A 618 -28.13 12.53 -3.23
C TYR A 618 -27.28 13.26 -4.25
N LYS A 619 -26.65 12.50 -5.15
CA LYS A 619 -25.74 13.13 -6.10
C LYS A 619 -26.47 14.15 -6.97
N LEU A 620 -27.69 13.80 -7.43
CA LEU A 620 -28.49 14.72 -8.24
C LEU A 620 -28.93 15.95 -7.45
N SER A 621 -29.07 15.85 -6.12
CA SER A 621 -29.37 17.03 -5.31
C SER A 621 -28.22 18.00 -5.29
N VAL A 622 -27.00 17.52 -5.54
CA VAL A 622 -25.81 18.35 -5.59
C VAL A 622 -25.56 18.87 -7.00
N LEU A 623 -25.76 18.02 -8.01
CA LEU A 623 -25.52 18.35 -9.42
C LEU A 623 -26.82 18.09 -10.18
N PRO A 624 -27.80 18.99 -10.09
CA PRO A 624 -29.12 18.73 -10.67
C PRO A 624 -29.12 18.91 -12.18
N ASP A 625 -30.21 18.44 -12.79
CA ASP A 625 -30.52 18.77 -14.17
C ASP A 625 -30.91 20.25 -14.28
N GLY A 626 -30.84 20.77 -15.51
CA GLY A 626 -31.44 22.05 -15.82
C GLY A 626 -30.60 23.26 -15.53
N VAL A 627 -29.30 23.09 -15.27
CA VAL A 627 -28.44 24.23 -14.95
C VAL A 627 -27.03 23.92 -15.42
N PRO A 628 -26.37 24.83 -16.13
CA PRO A 628 -24.97 24.58 -16.50
C PRO A 628 -24.10 24.50 -15.25
N ILE A 629 -23.08 23.64 -15.33
CA ILE A 629 -22.15 23.44 -14.24
C ILE A 629 -20.72 23.63 -14.76
N LEU A 630 -19.96 24.48 -14.07
CA LEU A 630 -18.58 24.78 -14.38
C LEU A 630 -17.70 24.26 -13.25
N SER A 631 -16.67 23.47 -13.58
CA SER A 631 -15.70 23.07 -12.57
C SER A 631 -14.52 24.03 -12.53
N VAL A 632 -13.94 24.19 -11.34
CA VAL A 632 -12.76 25.02 -11.14
C VAL A 632 -11.79 24.28 -10.20
N GLU A 633 -10.59 23.97 -10.70
CA GLU A 633 -9.55 23.30 -9.93
C GLU A 633 -8.25 23.58 -10.68
N VAL A 634 -7.22 24.05 -9.99
CA VAL A 634 -6.03 24.60 -10.64
C VAL A 634 -5.02 23.50 -11.04
N MET A 635 -5.53 22.48 -11.72
N MET A 635 -5.54 22.47 -11.69
CA MET A 635 -4.69 21.41 -12.28
CA MET A 635 -4.74 21.37 -12.22
C MET A 635 -5.50 20.76 -13.40
C MET A 635 -5.55 20.73 -13.35
N SER A 636 -5.13 19.55 -13.81
CA SER A 636 -5.72 18.95 -15.01
C SER A 636 -7.24 18.96 -14.97
N THR A 637 -7.85 19.18 -16.13
CA THR A 637 -9.29 19.04 -16.27
C THR A 637 -9.75 17.60 -16.45
N PHE A 638 -8.85 16.63 -16.55
CA PHE A 638 -9.28 15.24 -16.73
C PHE A 638 -10.16 14.77 -15.57
N GLY A 639 -11.21 14.03 -15.90
CA GLY A 639 -12.17 13.52 -14.94
C GLY A 639 -13.32 14.46 -14.67
N TRP A 640 -13.11 15.76 -14.85
CA TRP A 640 -14.07 16.73 -14.35
C TRP A 640 -15.38 16.73 -15.12
N SER A 641 -15.40 16.24 -16.34
CA SER A 641 -16.64 16.10 -17.08
C SER A 641 -17.62 15.12 -16.45
N LYS A 642 -17.19 14.30 -15.49
CA LYS A 642 -18.14 13.50 -14.73
C LYS A 642 -19.14 14.38 -13.98
N TYR A 643 -18.73 15.61 -13.65
CA TYR A 643 -19.43 16.46 -12.69
C TYR A 643 -19.80 17.83 -13.26
N SER A 644 -19.39 18.14 -14.48
CA SER A 644 -19.51 19.50 -15.01
C SER A 644 -19.69 19.43 -16.51
N HIS A 645 -20.28 20.50 -17.06
CA HIS A 645 -20.39 20.71 -18.49
C HIS A 645 -19.17 21.38 -19.09
N GLN A 646 -18.58 22.33 -18.37
CA GLN A 646 -17.39 23.07 -18.80
C GLN A 646 -16.40 23.02 -17.66
N GLN A 647 -15.10 23.06 -17.98
CA GLN A 647 -14.05 22.88 -16.99
C GLN A 647 -13.01 23.99 -17.13
N PHE A 648 -12.74 24.69 -16.03
CA PHE A 648 -11.65 25.64 -15.93
C PHE A 648 -10.56 25.00 -15.08
N GLY A 649 -9.48 24.60 -15.73
CA GLY A 649 -8.35 24.00 -15.04
C GLY A 649 -7.05 24.51 -15.60
N LEU A 650 -5.98 23.84 -15.21
CA LEU A 650 -4.63 24.19 -15.62
C LEU A 650 -4.02 22.94 -16.25
N ASN A 651 -3.82 22.99 -17.58
CA ASN A 651 -3.37 21.86 -18.37
C ASN A 651 -1.97 22.11 -18.96
N ARG A 652 -1.22 23.02 -18.38
CA ARG A 652 0.15 23.33 -18.72
C ARG A 652 0.95 23.32 -17.42
N PHE A 653 2.28 23.27 -17.53
CA PHE A 653 3.12 23.33 -16.35
C PHE A 653 3.06 24.71 -15.72
N GLY A 654 3.52 24.78 -14.47
CA GLY A 654 3.42 25.98 -13.68
C GLY A 654 4.53 26.99 -13.92
N ALA A 655 4.96 27.66 -12.85
CA ALA A 655 5.87 28.80 -12.95
C ALA A 655 6.53 29.00 -11.60
N SER A 656 7.67 29.67 -11.57
CA SER A 656 8.40 29.94 -10.35
C SER A 656 8.21 31.41 -9.96
N GLY A 657 7.44 31.67 -8.91
CA GLY A 657 7.18 33.01 -8.45
C GLY A 657 6.30 32.94 -7.21
N LYS A 658 5.99 34.12 -6.66
CA LYS A 658 5.06 34.17 -5.54
C LYS A 658 3.69 33.65 -5.97
N ALA A 659 3.10 32.78 -5.15
CA ALA A 659 1.88 32.08 -5.58
C ALA A 659 0.77 33.02 -6.04
N PRO A 660 0.44 34.11 -5.35
CA PRO A 660 -0.68 34.93 -5.83
C PRO A 660 -0.46 35.46 -7.24
N GLU A 661 0.81 35.72 -7.60
N GLU A 661 0.80 35.71 -7.61
CA GLU A 661 1.11 36.19 -8.94
CA GLU A 661 1.08 36.20 -8.95
C GLU A 661 0.90 35.11 -9.99
C GLU A 661 0.90 35.10 -10.00
N ILE A 662 1.14 33.85 -9.62
CA ILE A 662 0.91 32.75 -10.55
C ILE A 662 -0.58 32.57 -10.78
N PHE A 663 -1.37 32.60 -9.69
CA PHE A 663 -2.83 32.54 -9.86
C PHE A 663 -3.32 33.63 -10.79
N LYS A 664 -2.80 34.85 -10.62
CA LYS A 664 -3.21 35.95 -11.47
C LYS A 664 -2.82 35.69 -12.93
N LEU A 665 -1.59 35.21 -13.15
CA LEU A 665 -1.12 34.93 -14.50
C LEU A 665 -2.07 33.99 -15.23
N PHE A 666 -2.54 32.94 -14.57
CA PHE A 666 -3.41 31.96 -15.19
C PHE A 666 -4.89 32.27 -15.04
N GLU A 667 -5.22 33.45 -14.52
CA GLU A 667 -6.59 33.95 -14.42
C GLU A 667 -7.45 33.15 -13.46
N PHE A 668 -6.83 32.48 -12.48
CA PHE A 668 -7.55 31.88 -11.37
C PHE A 668 -7.78 32.94 -10.31
N THR A 669 -8.66 33.87 -10.66
CA THR A 669 -9.03 35.02 -9.87
C THR A 669 -10.55 35.08 -9.86
N PRO A 670 -11.15 35.85 -8.93
CA PRO A 670 -12.61 35.94 -8.94
C PRO A 670 -13.15 36.42 -10.28
N GLU A 671 -12.46 37.38 -10.90
CA GLU A 671 -12.90 37.92 -12.19
C GLU A 671 -12.70 36.90 -13.32
N GLY A 672 -11.60 36.15 -13.28
CA GLY A 672 -11.35 35.15 -14.32
C GLY A 672 -12.35 34.01 -14.28
N VAL A 673 -12.69 33.56 -13.06
CA VAL A 673 -13.74 32.56 -12.91
C VAL A 673 -15.08 33.11 -13.36
N ALA A 674 -15.39 34.33 -12.94
CA ALA A 674 -16.66 34.94 -13.32
C ALA A 674 -16.78 35.05 -14.83
N GLU A 675 -15.70 35.45 -15.51
CA GLU A 675 -15.75 35.57 -16.96
C GLU A 675 -16.10 34.25 -17.62
N ARG A 676 -15.47 33.16 -17.15
CA ARG A 676 -15.73 31.84 -17.72
C ARG A 676 -17.13 31.34 -17.34
N ALA A 677 -17.60 31.68 -16.14
CA ALA A 677 -18.98 31.36 -15.77
C ALA A 677 -19.97 32.07 -16.67
N ALA A 678 -19.76 33.36 -16.93
CA ALA A 678 -20.66 34.11 -17.81
C ALA A 678 -20.64 33.52 -19.22
N LYS A 679 -19.46 33.15 -19.71
CA LYS A 679 -19.39 32.53 -21.03
C LYS A 679 -20.11 31.19 -21.05
N THR A 680 -20.07 30.45 -19.94
CA THR A 680 -20.77 29.18 -19.84
C THR A 680 -22.29 29.39 -19.89
N VAL A 681 -22.79 30.37 -19.13
CA VAL A 681 -24.22 30.69 -19.19
C VAL A 681 -24.63 31.02 -20.62
N ALA A 682 -23.83 31.84 -21.31
CA ALA A 682 -24.17 32.25 -22.66
C ALA A 682 -24.14 31.07 -23.63
N PHE A 683 -23.18 30.16 -23.45
CA PHE A 683 -23.03 29.02 -24.34
C PHE A 683 -24.24 28.09 -24.27
N TYR A 684 -24.92 28.03 -23.13
CA TYR A 684 -26.08 27.16 -22.95
C TYR A 684 -27.41 27.88 -23.12
N LYS A 685 -27.41 29.18 -23.45
CA LYS A 685 -28.65 29.87 -23.75
C LYS A 685 -29.39 29.15 -24.89
N GLY A 686 -30.66 28.84 -24.66
CA GLY A 686 -31.46 28.15 -25.66
C GLY A 686 -31.23 26.66 -25.77
N LYS A 687 -30.40 26.07 -24.90
CA LYS A 687 -30.12 24.65 -24.91
C LYS A 687 -30.79 23.99 -23.71
N ASP A 688 -31.11 22.71 -23.86
CA ASP A 688 -31.60 21.90 -22.75
C ASP A 688 -30.40 21.21 -22.11
N VAL A 689 -30.25 21.39 -20.80
CA VAL A 689 -29.08 20.96 -20.06
C VAL A 689 -29.51 19.90 -19.06
N VAL A 690 -28.86 18.73 -19.07
CA VAL A 690 -29.11 17.70 -18.06
C VAL A 690 -27.85 17.50 -17.25
N SER A 691 -28.03 16.92 -16.07
CA SER A 691 -26.91 16.77 -15.16
C SER A 691 -25.77 16.01 -15.82
N PRO A 692 -24.52 16.38 -15.56
CA PRO A 692 -23.40 15.56 -15.99
C PRO A 692 -23.46 14.14 -15.46
N LEU A 693 -24.22 13.91 -14.39
CA LEU A 693 -24.36 12.58 -13.82
C LEU A 693 -25.18 11.64 -14.70
N ARG A 694 -25.95 12.15 -15.66
CA ARG A 694 -26.72 11.30 -16.53
C ARG A 694 -25.81 10.63 -17.55
N SER A 695 -26.20 9.44 -18.00
CA SER A 695 -25.39 8.65 -18.90
C SER A 695 -26.32 7.80 -19.76
N ALA A 696 -25.83 7.41 -20.94
CA ALA A 696 -26.60 6.54 -21.81
C ALA A 696 -26.56 5.08 -21.39
N PHE A 697 -25.56 4.70 -20.60
CA PHE A 697 -25.37 3.33 -20.18
C PHE A 697 -24.44 3.33 -18.98
OH2 1PE B . 12.65 -8.28 28.31
C12 1PE B . 11.55 -9.14 28.27
C22 1PE B . 10.27 -8.36 28.52
OH3 1PE B . 10.16 -7.35 27.55
C13 1PE B . 9.00 -5.60 26.42
C23 1PE B . 8.94 -6.65 27.53
OH4 1PE B . 9.18 -6.21 25.16
C14 1PE B . 10.61 -5.85 23.27
C24 1PE B . 9.34 -5.41 24.01
OH5 1PE B . 10.43 -6.86 22.31
C15 1PE B . 12.00 -8.61 22.86
C25 1PE B . 11.64 -7.48 21.90
OH6 1PE B . 13.35 -9.00 22.79
C16 1PE B . 15.01 -8.32 24.39
C26 1PE B . 13.92 -9.34 24.03
OH7 1PE B . 15.15 -8.24 25.78
HO2 1PE B . 12.71 -7.93 29.09
H121 1PE B . 11.51 -9.57 27.40
H122 1PE B . 11.65 -9.83 28.95
H221 1PE B . 9.50 -8.96 28.44
H222 1PE B . 10.29 -7.97 29.41
H131 1PE B . 8.16 -5.10 26.40
H132 1PE B . 9.73 -4.99 26.58
H231 1PE B . 8.22 -7.28 27.35
H232 1PE B . 8.79 -6.22 28.39
H141 1PE B . 11.00 -5.08 22.83
H142 1PE B . 11.25 -6.18 23.92
H241 1PE B . 8.57 -5.52 23.43
H242 1PE B . 9.42 -4.48 24.27
H151 1PE B . 11.81 -8.32 23.76
H152 1PE B . 11.44 -9.38 22.66
H251 1PE B . 11.52 -7.85 21.00
H252 1PE B . 12.35 -6.83 21.89
H161 1PE B . 15.85 -8.62 24.00
H162 1PE B . 14.77 -7.46 24.03
H261 1PE B . 13.24 -9.33 24.72
H262 1PE B . 14.31 -10.24 23.98
HO7 1PE B . 15.21 -9.02 26.11
#